data_6JE3
#
_entry.id   6JE3
#
_cell.length_a   166.388
_cell.length_b   165.974
_cell.length_c   178.760
_cell.angle_alpha   90.00
_cell.angle_beta   90.00
_cell.angle_gamma   90.00
#
_symmetry.space_group_name_H-M   'C 2 2 21'
#
loop_
_entity.id
_entity.type
_entity.pdbx_description
1 polymer 'CRISPR-associated endonuclease Cas9'
2 polymer sgRNA
3 polymer 'target DNA strand'
4 polymer 'non-target DNA strand'
5 non-polymer 1,2-ETHANEDIOL
6 water water
#
loop_
_entity_poly.entity_id
_entity_poly.type
_entity_poly.pdbx_seq_one_letter_code
_entity_poly.pdbx_strand_id
1 'polypeptide(L)'
;SMAAFKPNPINYILGLAIGIASVGWAMVEIDEEENPIRLIDLGVRVFERAEVPKTGDSLAMARRLARSVRRLTRRRAHRL
LRARRLLKREGVLQAADFDENGLIKSLPNTPWQLRAAALDRKLTPLEWSAVLLHLIKHRGYLSQRKNEGETADKELGALL
KGVANNAHALQTGDFRTPAELALNKFEKESGHIRNQRGDYSHTFSRKDLQAELILLFEKQKEFGNPHVSGGLKEGIETLL
MTQRPALSGDAVQKMLGHCTFEPAEPKAAKNTYTAERFIWLTKLNNLRILEQGSERPLTDTERATLMDEPYRKSKLTYAQ
ARKLLGLEDTAFFKGLRYGKDNAEASTLMEMKAYHAISRALEKEGLKDKKSPLNLSSELQDEIGTAFSLFKTDEDITGRL
KDRVQPEILEALLKHISFDKFVQISLKALRRIVPLMEQGKRYDEACAEIYGDHYGKKNTEEKIYLPPIPADEIRNPVVLR
ALSQARKVINGVVRRYGSPARIHIETAREVGKSFKDRKEIEKRQEENRKDREKAAAKFREYFPNFVGEPKSKDILKLRLY
EQQHGKCLYSGKEINLVRLNEKGYVEIDAALPFSRTWDDSFNNKVLVLGSENQNKGNQTPYEYFNGKDNSREWQEFKARV
ETSRFPRSKKQRILLQKFDEDGFKECNLNDTRYVNRFLCQFVADHILLTGKGKRRVFASNGQITNLLRGFWGLRKVRAEN
DRHHALDAVVVACSTVAMQQKITRFVRYKEMNAFDGKTIDKETGKVLHQKTHFPQPWEFFAQEVMIRVFGKPDGKPEFEE
ADTPEKLRTLLAEKLSSRPEAVHEYVTPLFVSRAPNRKMSGAHKDTLRSAKRFVKHNEKISVKRVWLTEIKLADLENMVN
YKNGREIELYEALKARLEAYGGNAKQAFDPKDNPFYKKGGQLVKAVRVEKTQESGVLLNKKNAYTIADNGDMVRVDVFCK
VDKKGKNQYFIVPIYAWQVAENILPDIDCKGYRIDDSYTFCFSLHKYDLIAFQKDEKSKVEFAYYINCDSSNGRFYLAWH
DKGSKEQQFRISTQNLVLIQKYQVNELGKEIRPCRLKKRPPVR
;
A
2 'polyribonucleotide'
;GGUCACUCUGCUAUUUAACUUUACGUUGUAGCUCCCUUUCUCGAAAGAGAACCGUUGCUACAAUAAGGCCGUCUGAAAAG
AUGUGCCGCAACGCUCUGCCCCUUAAAGCUCCUGCUUUAAGGGGCAUCGUUUAUC
;
B
3 'polydeoxyribonucleotide'
;(DT)(DA)(DA)(DC)(DT)(DG)(DG)(DG)(DC)(DC)(DT)(DG)(DT)(DA)(DA)(DA)(DG)(DT)(DT)(DA)
(DA)(DA)(DT)(DA)(DG)(DC)(DA)(DG)(DA)(DG)(DT)(DG)(DA)(DC)(DC)
;
C
4 'polydeoxyribonucleotide' (DA)(DA)(DA)(DT)(DG)(DA)(DG)(DG)(DC)(DC)(DC)(DA)(DG)(DT)(DT)(DA) D
#
loop_
_chem_comp.id
_chem_comp.type
_chem_comp.name
_chem_comp.formula
A RNA linking ADENOSINE-5'-MONOPHOSPHATE 'C10 H14 N5 O7 P'
C RNA linking CYTIDINE-5'-MONOPHOSPHATE 'C9 H14 N3 O8 P'
DA DNA linking 2'-DEOXYADENOSINE-5'-MONOPHOSPHATE 'C10 H14 N5 O6 P'
DC DNA linking 2'-DEOXYCYTIDINE-5'-MONOPHOSPHATE 'C9 H14 N3 O7 P'
DG DNA linking 2'-DEOXYGUANOSINE-5'-MONOPHOSPHATE 'C10 H14 N5 O7 P'
DT DNA linking THYMIDINE-5'-MONOPHOSPHATE 'C10 H15 N2 O8 P'
EDO non-polymer 1,2-ETHANEDIOL 'C2 H6 O2'
G RNA linking GUANOSINE-5'-MONOPHOSPHATE 'C10 H14 N5 O8 P'
U RNA linking URIDINE-5'-MONOPHOSPHATE 'C9 H13 N2 O9 P'
#
# COMPACT_ATOMS: atom_id res chain seq x y z
N ASN A 8 -38.43 12.63 -27.58
CA ASN A 8 -37.13 13.06 -27.06
C ASN A 8 -35.97 12.17 -27.51
N PRO A 9 -35.72 12.06 -28.83
CA PRO A 9 -34.54 11.32 -29.28
C PRO A 9 -33.33 12.21 -29.57
N ILE A 10 -32.15 11.76 -29.16
CA ILE A 10 -30.87 12.35 -29.54
C ILE A 10 -29.91 11.20 -29.83
N ASN A 11 -28.70 11.53 -30.29
CA ASN A 11 -27.67 10.52 -30.46
C ASN A 11 -26.34 11.14 -30.03
N TYR A 12 -25.53 10.36 -29.32
CA TYR A 12 -24.34 10.86 -28.65
C TYR A 12 -23.09 10.15 -29.16
N ILE A 13 -22.08 10.94 -29.51
CA ILE A 13 -20.71 10.49 -29.77
C ILE A 13 -19.76 11.26 -28.86
N LEU A 14 -20.13 11.35 -27.58
CA LEU A 14 -19.44 12.21 -26.64
C LEU A 14 -18.13 11.58 -26.17
N GLY A 15 -17.07 12.36 -26.19
CA GLY A 15 -15.76 11.87 -25.81
C GLY A 15 -15.40 12.16 -24.37
N LEU A 16 -14.59 11.28 -23.81
CA LEU A 16 -14.12 11.34 -22.43
C LEU A 16 -12.60 11.25 -22.38
N ALA A 17 -12.01 12.10 -21.54
CA ALA A 17 -10.57 12.21 -21.34
C ALA A 17 -10.20 11.60 -20.00
N ILE A 18 -9.15 10.79 -19.97
CA ILE A 18 -8.69 10.16 -18.74
C ILE A 18 -7.41 10.84 -18.27
N GLY A 19 -7.38 11.22 -16.99
CA GLY A 19 -6.18 11.71 -16.37
C GLY A 19 -5.93 10.96 -15.07
N ILE A 20 -4.72 11.19 -14.52
CA ILE A 20 -4.36 10.52 -13.27
C ILE A 20 -5.30 10.92 -12.15
N ALA A 21 -5.85 12.14 -12.22
CA ALA A 21 -6.82 12.60 -11.23
C ALA A 21 -8.07 13.19 -11.87
N SER A 22 -8.24 13.07 -13.19
CA SER A 22 -9.28 13.80 -13.87
C SER A 22 -10.00 12.89 -14.86
N VAL A 23 -11.17 13.33 -15.28
CA VAL A 23 -11.97 12.69 -16.32
C VAL A 23 -12.82 13.77 -16.98
N GLY A 24 -12.79 13.86 -18.30
CA GLY A 24 -13.51 14.89 -19.01
C GLY A 24 -14.50 14.27 -19.97
N TRP A 25 -15.50 15.07 -20.34
CA TRP A 25 -16.54 14.62 -21.26
C TRP A 25 -17.08 15.84 -21.98
N ALA A 26 -17.42 15.66 -23.25
CA ALA A 26 -18.07 16.74 -23.97
C ALA A 26 -18.86 16.17 -25.13
N MET A 27 -20.11 16.60 -25.27
CA MET A 27 -21.07 15.91 -26.11
C MET A 27 -21.38 16.73 -27.36
N VAL A 28 -21.22 16.09 -28.52
CA VAL A 28 -21.76 16.57 -29.77
C VAL A 28 -22.57 15.43 -30.38
N GLU A 29 -23.22 15.72 -31.52
CA GLU A 29 -24.05 14.72 -32.20
C GLU A 29 -23.74 14.76 -33.69
N ILE A 30 -22.70 14.02 -34.10
CA ILE A 30 -22.46 13.78 -35.52
C ILE A 30 -23.56 12.86 -36.03
N ASP A 31 -24.28 13.29 -37.05
CA ASP A 31 -25.53 12.63 -37.42
C ASP A 31 -25.39 11.69 -38.62
N GLU A 32 -24.83 12.15 -39.74
CA GLU A 32 -24.91 11.35 -40.96
C GLU A 32 -23.88 10.22 -40.96
N GLU A 33 -22.60 10.57 -41.04
CA GLU A 33 -21.53 9.58 -40.95
C GLU A 33 -20.23 10.33 -40.62
N GLU A 34 -19.81 10.24 -39.35
CA GLU A 34 -18.52 10.76 -38.91
C GLU A 34 -18.28 12.21 -39.33
N ASN A 35 -19.25 13.06 -39.00
CA ASN A 35 -19.23 14.48 -39.35
C ASN A 35 -19.93 15.29 -38.26
N PRO A 36 -19.19 16.02 -37.43
CA PRO A 36 -19.73 16.53 -36.17
C PRO A 36 -20.72 17.68 -36.30
N ILE A 37 -21.25 18.09 -35.15
CA ILE A 37 -22.20 19.18 -35.00
C ILE A 37 -21.72 20.05 -33.84
N ARG A 38 -22.48 21.05 -33.43
CA ARG A 38 -22.06 21.86 -32.29
C ARG A 38 -22.42 21.17 -30.97
N LEU A 39 -21.82 21.67 -29.89
CA LEU A 39 -21.74 20.98 -28.60
C LEU A 39 -22.90 21.33 -27.67
N ILE A 40 -23.16 20.45 -26.72
CA ILE A 40 -24.27 20.68 -25.79
C ILE A 40 -23.82 20.86 -24.35
N ASP A 41 -23.48 19.75 -23.68
CA ASP A 41 -23.18 19.76 -22.25
C ASP A 41 -21.75 19.27 -22.04
N LEU A 42 -20.80 20.21 -22.16
CA LEU A 42 -19.43 19.90 -21.83
C LEU A 42 -19.27 19.85 -20.31
N GLY A 43 -18.32 19.03 -19.87
CA GLY A 43 -18.15 18.83 -18.45
C GLY A 43 -16.90 18.03 -18.14
N VAL A 44 -16.66 17.89 -16.85
CA VAL A 44 -15.45 17.26 -16.36
C VAL A 44 -15.59 16.99 -14.87
N ARG A 45 -15.16 15.82 -14.45
CA ARG A 45 -15.08 15.45 -13.05
C ARG A 45 -13.62 15.20 -12.70
N VAL A 46 -13.34 15.30 -11.40
CA VAL A 46 -11.99 15.13 -10.88
C VAL A 46 -12.10 14.52 -9.49
N PHE A 47 -11.12 13.68 -9.17
CA PHE A 47 -11.05 12.99 -7.89
C PHE A 47 -9.64 13.22 -7.36
N GLU A 48 -9.24 12.42 -6.36
CA GLU A 48 -7.88 12.45 -5.88
C GLU A 48 -7.30 11.05 -5.89
N ARG A 49 -5.98 10.98 -6.05
CA ARG A 49 -5.31 9.74 -6.43
C ARG A 49 -5.52 8.64 -5.40
N ALA A 50 -5.25 7.40 -5.83
CA ALA A 50 -5.23 6.24 -4.93
C ALA A 50 -3.86 6.01 -4.32
N GLU A 51 -3.08 7.07 -4.11
CA GLU A 51 -1.79 6.98 -3.46
C GLU A 51 -1.70 8.03 -2.35
N VAL A 52 -0.61 7.97 -1.61
CA VAL A 52 -0.26 8.99 -0.62
C VAL A 52 0.52 10.08 -1.34
N PRO A 53 0.21 11.36 -1.14
CA PRO A 53 0.87 12.40 -1.96
C PRO A 53 2.36 12.49 -1.73
N LYS A 54 2.79 12.61 -0.48
CA LYS A 54 4.20 12.80 -0.18
C LYS A 54 5.04 11.61 -0.65
N THR A 55 4.79 10.43 -0.07
CA THR A 55 5.65 9.28 -0.29
C THR A 55 5.31 8.49 -1.54
N GLY A 56 4.07 8.57 -2.02
CA GLY A 56 3.67 7.80 -3.17
C GLY A 56 3.32 6.35 -2.91
N ASP A 57 3.34 5.92 -1.65
CA ASP A 57 2.88 4.58 -1.34
C ASP A 57 1.37 4.46 -1.57
N SER A 58 0.86 3.26 -1.42
CA SER A 58 -0.57 3.02 -1.50
C SER A 58 -1.22 3.24 -0.14
N LEU A 59 -2.45 3.76 -0.15
CA LEU A 59 -3.14 3.96 1.13
C LEU A 59 -3.40 2.62 1.83
N ALA A 60 -3.65 1.57 1.05
CA ALA A 60 -3.82 0.25 1.65
C ALA A 60 -2.53 -0.25 2.28
N MET A 61 -1.38 0.29 1.88
CA MET A 61 -0.10 -0.17 2.42
C MET A 61 0.05 0.23 3.88
N ALA A 62 -0.22 1.49 4.20
CA ALA A 62 -0.20 1.92 5.59
C ALA A 62 -1.16 1.12 6.43
N ARG A 63 -2.32 0.77 5.85
CA ARG A 63 -3.29 -0.05 6.56
C ARG A 63 -2.75 -1.46 6.82
N ARG A 64 -2.10 -2.05 5.83
CA ARG A 64 -1.52 -3.38 6.01
C ARG A 64 -0.44 -3.37 7.08
N LEU A 65 0.40 -2.32 7.10
CA LEU A 65 1.42 -2.25 8.15
C LEU A 65 0.81 -1.99 9.51
N ALA A 66 -0.28 -1.23 9.58
CA ALA A 66 -1.02 -1.11 10.83
C ALA A 66 -1.49 -2.46 11.34
N ARG A 67 -2.14 -3.23 10.46
CA ARG A 67 -2.56 -4.58 10.82
C ARG A 67 -1.37 -5.41 11.31
N SER A 68 -0.24 -5.33 10.59
CA SER A 68 0.92 -6.12 10.96
C SER A 68 1.42 -5.77 12.36
N VAL A 69 1.60 -4.49 12.65
CA VAL A 69 2.14 -4.14 13.96
C VAL A 69 1.12 -4.41 15.05
N ARG A 70 -0.18 -4.25 14.76
CA ARG A 70 -1.20 -4.61 15.73
C ARG A 70 -1.07 -6.07 16.12
N ARG A 71 -0.97 -6.95 15.11
CA ARG A 71 -0.81 -8.37 15.39
C ARG A 71 0.47 -8.64 16.16
N LEU A 72 1.57 -7.98 15.79
CA LEU A 72 2.83 -8.15 16.49
C LEU A 72 2.69 -7.83 17.98
N THR A 73 2.18 -6.64 18.29
CA THR A 73 2.09 -6.23 19.68
C THR A 73 1.13 -7.13 20.44
N ARG A 74 0.00 -7.47 19.84
CA ARG A 74 -0.95 -8.36 20.49
C ARG A 74 -0.32 -9.70 20.82
N ARG A 75 0.40 -10.29 19.86
CA ARG A 75 1.01 -11.59 20.06
C ARG A 75 2.11 -11.53 21.11
N ARG A 76 2.88 -10.44 21.15
CA ARG A 76 3.91 -10.35 22.18
C ARG A 76 3.28 -10.23 23.55
N ALA A 77 2.22 -9.41 23.68
CA ALA A 77 1.51 -9.30 24.94
C ALA A 77 1.01 -10.66 25.39
N HIS A 78 0.35 -11.40 24.48
CA HIS A 78 -0.21 -12.70 24.81
C HIS A 78 0.88 -13.70 25.18
N ARG A 79 2.00 -13.67 24.46
CA ARG A 79 3.12 -14.53 24.77
C ARG A 79 3.63 -14.30 26.19
N LEU A 80 3.84 -13.04 26.55
CA LEU A 80 4.31 -12.75 27.90
C LEU A 80 3.25 -13.11 28.95
N LEU A 81 1.98 -12.92 28.62
CA LEU A 81 0.90 -13.30 29.53
C LEU A 81 0.93 -14.79 29.82
N ARG A 82 1.08 -15.60 28.78
CA ARG A 82 1.15 -17.04 28.97
C ARG A 82 2.43 -17.44 29.71
N ALA A 83 3.51 -16.70 29.49
CA ALA A 83 4.74 -16.97 30.24
C ALA A 83 4.51 -16.77 31.74
N ARG A 84 3.84 -15.68 32.11
CA ARG A 84 3.56 -15.44 33.53
C ARG A 84 2.63 -16.51 34.09
N ARG A 85 1.63 -16.94 33.29
CA ARG A 85 0.75 -18.01 33.73
C ARG A 85 1.52 -19.30 33.99
N LEU A 86 2.43 -19.66 33.07
CA LEU A 86 3.25 -20.86 33.26
C LEU A 86 4.15 -20.73 34.48
N LEU A 87 4.69 -19.53 34.71
CA LEU A 87 5.51 -19.30 35.91
C LEU A 87 4.72 -19.59 37.17
N LYS A 88 3.47 -19.14 37.23
CA LYS A 88 2.64 -19.43 38.40
C LYS A 88 2.27 -20.91 38.46
N ARG A 89 2.01 -21.53 37.31
CA ARG A 89 1.55 -22.92 37.28
C ARG A 89 2.66 -23.87 37.72
N GLU A 90 3.88 -23.67 37.25
CA GLU A 90 4.99 -24.53 37.60
C GLU A 90 5.54 -24.27 39.01
N GLY A 91 4.91 -23.37 39.77
CA GLY A 91 5.32 -23.14 41.14
C GLY A 91 6.53 -22.27 41.32
N VAL A 92 6.96 -21.54 40.28
CA VAL A 92 8.08 -20.63 40.42
C VAL A 92 7.69 -19.45 41.30
N LEU A 93 6.53 -18.86 41.03
CA LEU A 93 6.00 -17.78 41.83
C LEU A 93 4.63 -18.18 42.37
N GLN A 94 4.30 -17.63 43.52
CA GLN A 94 3.05 -17.89 44.19
C GLN A 94 2.10 -16.71 44.00
N ALA A 95 0.81 -16.98 44.17
CA ALA A 95 -0.22 -16.00 43.82
C ALA A 95 -0.07 -14.68 44.56
N ALA A 96 0.69 -14.65 45.66
CA ALA A 96 0.97 -13.39 46.32
C ALA A 96 1.97 -12.54 45.56
N ASP A 97 2.79 -13.15 44.70
CA ASP A 97 3.80 -12.41 43.97
C ASP A 97 3.23 -11.66 42.78
N PHE A 98 1.96 -11.87 42.44
CA PHE A 98 1.32 -11.22 41.31
C PHE A 98 0.37 -10.14 41.82
N ASP A 99 0.39 -8.96 41.17
CA ASP A 99 -0.45 -7.85 41.58
C ASP A 99 -1.81 -7.91 40.88
N GLU A 100 -2.61 -6.86 41.07
CA GLU A 100 -4.00 -6.88 40.60
C GLU A 100 -4.08 -6.93 39.07
N ASN A 101 -3.10 -6.37 38.37
CA ASN A 101 -3.09 -6.42 36.90
C ASN A 101 -2.57 -7.74 36.36
N GLY A 102 -2.18 -8.67 37.23
CA GLY A 102 -1.53 -9.88 36.77
C GLY A 102 -0.06 -9.75 36.50
N LEU A 103 0.57 -8.66 36.94
CA LEU A 103 2.00 -8.46 36.79
C LEU A 103 2.72 -8.86 38.08
N ILE A 104 4.03 -9.01 37.97
CA ILE A 104 4.85 -9.54 39.05
C ILE A 104 5.38 -8.39 39.89
N LYS A 105 5.12 -8.45 41.20
CA LYS A 105 5.58 -7.41 42.11
C LYS A 105 7.06 -7.56 42.38
N SER A 106 7.74 -6.42 42.49
CA SER A 106 9.18 -6.39 42.79
C SER A 106 9.98 -7.24 41.81
N LEU A 107 9.47 -7.39 40.60
CA LEU A 107 10.23 -8.06 39.54
C LEU A 107 11.49 -7.25 39.27
N PRO A 108 12.67 -7.86 39.33
CA PRO A 108 13.92 -7.10 39.20
C PRO A 108 14.07 -6.46 37.84
N ASN A 109 14.86 -5.39 37.79
CA ASN A 109 15.19 -4.71 36.54
C ASN A 109 16.64 -4.98 36.16
N THR A 110 17.14 -6.17 36.48
CA THR A 110 18.53 -6.54 36.20
C THR A 110 18.64 -7.88 35.43
N PRO A 111 17.89 -8.03 34.33
CA PRO A 111 17.88 -9.35 33.69
C PRO A 111 19.19 -9.74 33.03
N TRP A 112 19.95 -8.81 32.47
CA TRP A 112 21.21 -9.17 31.82
C TRP A 112 22.24 -9.64 32.85
N GLN A 113 22.38 -8.89 33.94
CA GLN A 113 23.31 -9.29 34.99
C GLN A 113 22.92 -10.63 35.59
N LEU A 114 21.62 -10.87 35.76
CA LEU A 114 21.17 -12.16 36.30
C LEU A 114 21.42 -13.28 35.31
N ARG A 115 21.20 -13.02 34.02
CA ARG A 115 21.50 -14.04 33.00
C ARG A 115 22.97 -14.40 33.01
N ALA A 116 23.85 -13.43 33.28
CA ALA A 116 25.27 -13.72 33.32
C ALA A 116 25.65 -14.46 34.60
N ALA A 117 25.07 -14.07 35.75
CA ALA A 117 25.39 -14.70 37.02
C ALA A 117 24.75 -16.07 37.15
N ALA A 118 23.77 -16.41 36.31
CA ALA A 118 23.14 -17.72 36.38
C ALA A 118 24.08 -18.84 35.98
N LEU A 119 25.18 -18.52 35.29
CA LEU A 119 26.22 -19.51 34.99
C LEU A 119 27.15 -19.74 36.16
N ASP A 120 27.06 -18.95 37.22
CA ASP A 120 27.98 -19.05 38.35
C ASP A 120 27.30 -19.27 39.69
N ARG A 121 26.00 -19.01 39.82
CA ARG A 121 25.34 -19.12 41.10
C ARG A 121 23.86 -19.41 40.91
N LYS A 122 23.18 -19.69 42.02
CA LYS A 122 21.75 -19.97 42.04
C LYS A 122 20.96 -18.67 41.95
N LEU A 123 19.74 -18.77 41.43
CA LEU A 123 18.89 -17.62 41.20
C LEU A 123 17.63 -17.68 42.05
N THR A 124 17.23 -16.53 42.59
CA THR A 124 15.97 -16.40 43.29
C THR A 124 14.83 -16.73 42.34
N PRO A 125 13.70 -17.22 42.85
CA PRO A 125 12.51 -17.36 42.00
C PRO A 125 12.17 -16.08 41.25
N LEU A 126 12.33 -14.92 41.88
CA LEU A 126 12.05 -13.67 41.18
C LEU A 126 13.12 -13.38 40.13
N GLU A 127 14.39 -13.56 40.47
CA GLU A 127 15.46 -13.43 39.48
C GLU A 127 15.27 -14.40 38.32
N TRP A 128 14.92 -15.65 38.63
CA TRP A 128 14.70 -16.64 37.58
C TRP A 128 13.54 -16.25 36.68
N SER A 129 12.43 -15.79 37.28
CA SER A 129 11.28 -15.38 36.49
C SER A 129 11.61 -14.19 35.60
N ALA A 130 12.30 -13.19 36.16
CA ALA A 130 12.75 -12.07 35.36
C ALA A 130 13.59 -12.54 34.18
N VAL A 131 14.52 -13.47 34.43
CA VAL A 131 15.40 -13.93 33.35
C VAL A 131 14.58 -14.61 32.25
N LEU A 132 13.66 -15.49 32.64
CA LEU A 132 12.86 -16.21 31.64
C LEU A 132 12.01 -15.25 30.83
N LEU A 133 11.30 -14.34 31.50
CA LEU A 133 10.45 -13.41 30.76
C LEU A 133 11.28 -12.48 29.88
N HIS A 134 12.49 -12.10 30.31
CA HIS A 134 13.32 -11.25 29.48
C HIS A 134 13.80 -11.99 28.24
N LEU A 135 14.18 -13.27 28.41
CA LEU A 135 14.56 -14.06 27.24
C LEU A 135 13.40 -14.17 26.25
N ILE A 136 12.19 -14.40 26.76
CA ILE A 136 11.03 -14.52 25.87
C ILE A 136 10.74 -13.20 25.17
N LYS A 137 10.83 -12.08 25.91
CA LYS A 137 10.44 -10.79 25.36
C LYS A 137 11.35 -10.38 24.21
N HIS A 138 12.65 -10.36 24.45
CA HIS A 138 13.65 -10.10 23.41
C HIS A 138 14.22 -11.44 22.97
N ARG A 139 13.49 -12.11 22.10
CA ARG A 139 13.81 -13.47 21.68
C ARG A 139 14.61 -13.53 20.40
N GLY A 140 15.15 -12.40 19.94
CA GLY A 140 16.13 -12.41 18.87
C GLY A 140 15.57 -12.77 17.51
N TYR A 141 16.48 -12.80 16.54
CA TYR A 141 16.17 -12.94 15.12
C TYR A 141 16.22 -14.38 14.67
N LEU A 142 15.18 -14.84 13.99
CA LEU A 142 15.06 -16.20 13.47
C LEU A 142 15.22 -16.18 11.96
N SER A 143 15.99 -17.12 11.42
CA SER A 143 16.39 -17.04 10.01
C SER A 143 15.18 -17.08 9.09
N GLN A 144 14.32 -18.09 9.23
CA GLN A 144 13.03 -18.15 8.56
C GLN A 144 13.17 -18.23 7.02
N ARG A 145 14.40 -18.37 6.52
CA ARG A 145 14.68 -18.44 5.10
C ARG A 145 14.64 -19.87 4.60
N LYS A 146 14.18 -20.04 3.35
CA LYS A 146 14.14 -21.36 2.71
C LYS A 146 15.55 -21.95 2.60
N LYS A 154 26.22 -14.55 0.58
CA LYS A 154 26.11 -13.38 -0.29
C LYS A 154 26.61 -12.12 0.43
N GLU A 155 26.05 -10.97 0.06
CA GLU A 155 26.36 -9.70 0.71
C GLU A 155 25.20 -9.33 1.62
N LEU A 156 25.41 -9.47 2.93
CA LEU A 156 24.37 -9.22 3.91
C LEU A 156 24.23 -7.72 4.17
N GLY A 157 23.11 -7.35 4.78
CA GLY A 157 22.83 -5.95 5.02
C GLY A 157 23.46 -5.46 6.31
N ALA A 158 22.63 -5.02 7.24
CA ALA A 158 23.11 -4.57 8.55
C ALA A 158 22.52 -5.39 9.69
N LEU A 159 21.24 -5.75 9.60
CA LEU A 159 20.66 -6.66 10.59
C LEU A 159 21.38 -8.00 10.57
N LEU A 160 21.42 -8.65 9.39
CA LEU A 160 22.11 -9.91 9.23
C LEU A 160 23.59 -9.77 9.58
N LYS A 161 24.21 -8.67 9.18
CA LYS A 161 25.62 -8.45 9.50
C LYS A 161 25.83 -8.48 11.01
N GLY A 162 25.07 -7.66 11.74
CA GLY A 162 25.25 -7.61 13.18
C GLY A 162 24.98 -8.94 13.87
N VAL A 163 23.88 -9.60 13.50
CA VAL A 163 23.54 -10.85 14.18
C VAL A 163 24.59 -11.92 13.88
N ALA A 164 25.06 -12.00 12.64
CA ALA A 164 26.08 -12.99 12.30
C ALA A 164 27.39 -12.70 13.01
N ASN A 165 27.76 -11.41 13.11
CA ASN A 165 28.97 -11.05 13.85
C ASN A 165 28.87 -11.47 15.31
N ASN A 166 27.71 -11.23 15.94
CA ASN A 166 27.57 -11.61 17.34
C ASN A 166 27.57 -13.13 17.51
N ALA A 167 26.94 -13.85 16.58
CA ALA A 167 26.98 -15.31 16.63
C ALA A 167 28.41 -15.82 16.55
N HIS A 168 29.20 -15.27 15.61
CA HIS A 168 30.61 -15.64 15.54
C HIS A 168 31.37 -15.24 16.79
N ALA A 169 30.96 -14.14 17.44
CA ALA A 169 31.69 -13.66 18.61
C ALA A 169 31.49 -14.57 19.81
N LEU A 170 30.25 -15.00 20.07
CA LEU A 170 30.05 -15.90 21.20
C LEU A 170 30.40 -17.34 20.87
N GLN A 171 30.80 -17.64 19.64
CA GLN A 171 31.32 -18.96 19.28
C GLN A 171 32.84 -19.04 19.38
N THR A 172 33.52 -17.93 19.68
CA THR A 172 34.98 -17.96 19.72
C THR A 172 35.59 -18.12 21.10
N GLY A 173 35.44 -17.11 21.95
CA GLY A 173 36.25 -17.06 23.16
C GLY A 173 35.56 -16.98 24.51
N ASP A 174 35.69 -15.81 25.14
CA ASP A 174 35.33 -15.53 26.53
C ASP A 174 33.84 -15.45 26.78
N PHE A 175 33.00 -15.69 25.76
CA PHE A 175 31.56 -15.43 25.87
C PHE A 175 30.81 -16.75 25.74
N ARG A 176 30.23 -17.22 26.85
CA ARG A 176 29.45 -18.44 26.84
C ARG A 176 28.03 -18.21 26.33
N THR A 177 27.48 -17.03 26.58
CA THR A 177 26.09 -16.74 26.21
C THR A 177 25.98 -15.30 25.73
N PRO A 178 24.87 -14.92 25.09
CA PRO A 178 24.71 -13.52 24.69
C PRO A 178 24.75 -12.56 25.87
N ALA A 179 24.42 -13.01 27.09
CA ALA A 179 24.47 -12.10 28.22
C ALA A 179 25.90 -11.69 28.55
N GLU A 180 26.83 -12.65 28.55
CA GLU A 180 28.22 -12.33 28.87
C GLU A 180 28.82 -11.38 27.85
N LEU A 181 28.78 -11.78 26.58
CA LEU A 181 29.24 -10.91 25.49
C LEU A 181 28.58 -9.55 25.58
N ALA A 182 27.25 -9.54 25.72
CA ALA A 182 26.50 -8.29 25.79
C ALA A 182 27.05 -7.38 26.87
N LEU A 183 26.98 -7.82 28.13
CA LEU A 183 27.44 -7.01 29.23
C LEU A 183 28.86 -6.53 28.98
N ASN A 184 29.82 -7.46 28.97
CA ASN A 184 31.21 -7.05 28.91
C ASN A 184 31.50 -6.18 27.69
N LYS A 185 31.40 -6.79 26.49
CA LYS A 185 31.80 -6.09 25.28
C LYS A 185 30.92 -4.87 25.03
N PHE A 186 29.61 -5.07 24.89
CA PHE A 186 28.72 -3.97 24.52
C PHE A 186 28.86 -2.81 25.51
N GLU A 187 28.65 -3.08 26.81
CA GLU A 187 28.60 -1.97 27.75
C GLU A 187 29.93 -1.26 27.88
N LYS A 188 31.04 -2.00 27.89
CA LYS A 188 32.32 -1.32 28.04
C LYS A 188 32.78 -0.64 26.76
N GLU A 189 32.24 -1.03 25.61
CA GLU A 189 32.62 -0.40 24.35
C GLU A 189 31.65 0.69 23.88
N SER A 190 30.37 0.61 24.26
CA SER A 190 29.38 1.57 23.82
C SER A 190 28.69 2.31 24.95
N GLY A 191 28.45 1.64 26.09
CA GLY A 191 27.78 2.27 27.20
C GLY A 191 26.32 1.90 27.35
N HIS A 192 25.79 1.07 26.45
CA HIS A 192 24.41 0.60 26.53
C HIS A 192 24.36 -0.82 25.98
N ILE A 193 23.31 -1.54 26.33
CA ILE A 193 23.16 -2.93 25.94
C ILE A 193 22.21 -3.10 24.77
N ARG A 194 21.08 -2.40 24.79
CA ARG A 194 20.08 -2.50 23.75
C ARG A 194 20.58 -1.90 22.44
N ASN A 195 19.79 -2.04 21.40
CA ASN A 195 20.00 -1.31 20.18
C ASN A 195 19.42 0.10 20.32
N GLN A 196 20.03 1.06 19.63
CA GLN A 196 19.68 2.47 19.77
C GLN A 196 19.54 3.12 18.41
N ARG A 197 18.43 3.84 18.22
CA ARG A 197 18.23 4.74 17.08
C ARG A 197 18.56 4.09 15.74
N GLY A 198 17.92 2.95 15.48
CA GLY A 198 17.99 2.32 14.18
C GLY A 198 19.20 1.46 13.93
N ASP A 199 20.12 1.33 14.89
CA ASP A 199 21.29 0.47 14.74
C ASP A 199 20.92 -0.97 15.09
N TYR A 200 21.54 -1.92 14.39
CA TYR A 200 21.24 -3.35 14.53
C TYR A 200 22.41 -4.14 15.10
N SER A 201 23.44 -3.48 15.61
CA SER A 201 24.70 -4.12 15.97
C SER A 201 24.62 -4.93 17.26
N HIS A 202 23.49 -4.92 17.97
CA HIS A 202 23.36 -5.67 19.21
C HIS A 202 22.34 -6.79 19.11
N THR A 203 21.89 -7.14 17.91
CA THR A 203 20.90 -8.19 17.74
C THR A 203 21.55 -9.56 17.84
N PHE A 204 20.87 -10.50 18.48
CA PHE A 204 21.32 -11.88 18.61
C PHE A 204 20.39 -12.80 17.83
N SER A 205 20.96 -13.89 17.31
CA SER A 205 20.14 -14.89 16.64
C SER A 205 19.34 -15.67 17.67
N ARG A 206 18.10 -16.01 17.31
CA ARG A 206 17.24 -16.71 18.24
C ARG A 206 17.84 -18.04 18.67
N LYS A 207 18.63 -18.68 17.80
CA LYS A 207 19.25 -19.93 18.21
C LYS A 207 20.32 -19.70 19.26
N ASP A 208 21.03 -18.57 19.21
CA ASP A 208 21.99 -18.27 20.27
C ASP A 208 21.30 -18.09 21.61
N LEU A 209 20.14 -17.42 21.62
CA LEU A 209 19.40 -17.27 22.86
C LEU A 209 18.77 -18.58 23.31
N GLN A 210 18.39 -19.43 22.38
CA GLN A 210 17.93 -20.78 22.74
C GLN A 210 19.05 -21.56 23.41
N ALA A 211 20.27 -21.44 22.89
CA ALA A 211 21.43 -22.06 23.54
C ALA A 211 21.65 -21.47 24.92
N GLU A 212 21.51 -20.15 25.05
CA GLU A 212 21.59 -19.53 26.37
C GLU A 212 20.56 -20.13 27.31
N LEU A 213 19.34 -20.34 26.83
CA LEU A 213 18.28 -20.88 27.67
C LEU A 213 18.61 -22.30 28.14
N ILE A 214 19.05 -23.16 27.21
CA ILE A 214 19.37 -24.54 27.61
C ILE A 214 20.53 -24.54 28.61
N LEU A 215 21.55 -23.73 28.36
CA LEU A 215 22.70 -23.69 29.26
C LEU A 215 22.30 -23.14 30.62
N LEU A 216 21.41 -22.14 30.64
CA LEU A 216 20.96 -21.59 31.92
C LEU A 216 20.14 -22.60 32.71
N PHE A 217 19.25 -23.32 32.05
CA PHE A 217 18.51 -24.36 32.76
C PHE A 217 19.45 -25.41 33.34
N GLU A 218 20.47 -25.82 32.57
CA GLU A 218 21.40 -26.82 33.07
C GLU A 218 22.21 -26.31 34.25
N LYS A 219 22.74 -25.10 34.13
CA LYS A 219 23.55 -24.53 35.22
C LYS A 219 22.71 -24.30 36.47
N GLN A 220 21.47 -23.85 36.30
CA GLN A 220 20.61 -23.62 37.45
C GLN A 220 20.24 -24.94 38.13
N LYS A 221 20.03 -25.99 37.34
CA LYS A 221 19.81 -27.31 37.93
C LYS A 221 21.02 -27.73 38.75
N GLU A 222 22.24 -27.53 38.20
CA GLU A 222 23.45 -27.80 38.98
C GLU A 222 23.41 -27.08 40.32
N PHE A 223 23.16 -25.77 40.30
CA PHE A 223 23.24 -24.93 41.48
C PHE A 223 22.10 -25.14 42.46
N GLY A 224 21.16 -26.03 42.16
CA GLY A 224 20.09 -26.31 43.09
C GLY A 224 18.86 -25.45 42.92
N ASN A 225 18.62 -24.92 41.72
CA ASN A 225 17.39 -24.21 41.46
C ASN A 225 16.21 -25.16 41.61
N PRO A 226 15.21 -24.84 42.46
CA PRO A 226 14.06 -25.74 42.59
C PRO A 226 13.19 -25.78 41.35
N HIS A 227 13.09 -24.68 40.60
CA HIS A 227 12.20 -24.59 39.46
C HIS A 227 12.99 -24.79 38.16
N VAL A 228 13.45 -26.03 37.99
CA VAL A 228 14.12 -26.46 36.77
C VAL A 228 13.23 -27.54 36.15
N SER A 229 11.93 -27.40 36.38
CA SER A 229 10.95 -28.38 35.94
C SER A 229 11.05 -28.64 34.43
N GLY A 230 10.71 -29.87 34.03
CA GLY A 230 10.63 -30.17 32.62
C GLY A 230 9.51 -29.42 31.93
N GLY A 231 8.35 -29.33 32.58
CA GLY A 231 7.25 -28.57 32.01
C GLY A 231 7.60 -27.10 31.84
N LEU A 232 8.30 -26.52 32.82
CA LEU A 232 8.72 -25.13 32.71
C LEU A 232 9.69 -24.92 31.57
N LYS A 233 10.69 -25.80 31.44
CA LYS A 233 11.66 -25.69 30.35
C LYS A 233 10.97 -25.80 29.00
N GLU A 234 10.11 -26.81 28.85
CA GLU A 234 9.40 -26.97 27.59
C GLU A 234 8.54 -25.75 27.28
N GLY A 235 7.85 -25.20 28.28
CA GLY A 235 6.99 -24.06 28.05
C GLY A 235 7.76 -22.81 27.66
N ILE A 236 8.85 -22.53 28.38
CA ILE A 236 9.67 -21.36 28.06
C ILE A 236 10.31 -21.51 26.68
N GLU A 237 10.81 -22.71 26.37
CA GLU A 237 11.43 -22.91 25.06
C GLU A 237 10.41 -22.80 23.94
N THR A 238 9.21 -23.35 24.15
CA THR A 238 8.14 -23.20 23.15
C THR A 238 7.81 -21.73 22.93
N LEU A 239 7.56 -20.99 24.03
CA LEU A 239 7.23 -19.58 23.89
C LEU A 239 8.35 -18.81 23.20
N LEU A 240 9.60 -19.18 23.44
CA LEU A 240 10.72 -18.50 22.80
C LEU A 240 10.76 -18.79 21.30
N MET A 241 10.63 -20.07 20.91
CA MET A 241 10.89 -20.47 19.54
C MET A 241 9.67 -20.35 18.62
N THR A 242 8.46 -20.50 19.16
CA THR A 242 7.28 -20.68 18.31
C THR A 242 6.91 -19.40 17.56
N GLN A 243 6.65 -19.53 16.27
CA GLN A 243 6.02 -18.49 15.47
C GLN A 243 4.93 -19.11 14.60
N ARG A 244 3.99 -18.26 14.18
CA ARG A 244 2.97 -18.74 13.26
C ARG A 244 3.55 -18.86 11.86
N PRO A 245 3.02 -19.77 11.04
CA PRO A 245 3.55 -19.92 9.67
C PRO A 245 3.16 -18.73 8.80
N ALA A 246 4.09 -18.31 7.96
CA ALA A 246 3.83 -17.18 7.06
C ALA A 246 2.73 -17.52 6.07
N LEU A 247 2.72 -18.77 5.59
CA LEU A 247 1.69 -19.29 4.69
C LEU A 247 1.13 -20.57 5.29
N SER A 248 -0.20 -20.66 5.36
CA SER A 248 -0.85 -21.84 5.91
C SER A 248 -2.27 -21.94 5.36
N GLY A 249 -2.69 -23.17 5.09
CA GLY A 249 -4.04 -23.39 4.61
C GLY A 249 -4.17 -22.99 3.15
N ASP A 250 -5.29 -22.34 2.82
CA ASP A 250 -5.56 -21.90 1.46
C ASP A 250 -4.96 -20.53 1.16
N ALA A 251 -3.89 -20.16 1.87
CA ALA A 251 -3.28 -18.85 1.66
C ALA A 251 -2.73 -18.69 0.26
N VAL A 252 -2.10 -19.74 -0.27
CA VAL A 252 -1.57 -19.66 -1.63
C VAL A 252 -2.70 -19.78 -2.65
N GLN A 253 -3.65 -20.69 -2.42
CA GLN A 253 -4.70 -20.93 -3.41
C GLN A 253 -5.56 -19.69 -3.61
N LYS A 254 -5.88 -18.98 -2.54
CA LYS A 254 -6.70 -17.78 -2.67
C LYS A 254 -6.01 -16.74 -3.55
N MET A 255 -4.68 -16.75 -3.60
CA MET A 255 -3.93 -15.80 -4.40
C MET A 255 -3.69 -16.25 -5.83
N LEU A 256 -4.20 -17.41 -6.22
CA LEU A 256 -3.99 -17.91 -7.57
C LEU A 256 -4.94 -17.25 -8.56
N GLY A 257 -4.60 -17.36 -9.83
CA GLY A 257 -5.43 -16.88 -10.91
C GLY A 257 -6.30 -17.97 -11.48
N HIS A 258 -6.84 -17.70 -12.67
CA HIS A 258 -7.74 -18.60 -13.37
C HIS A 258 -7.05 -19.20 -14.58
N CYS A 259 -7.27 -20.50 -14.81
CA CYS A 259 -6.75 -21.15 -15.99
C CYS A 259 -7.37 -20.55 -17.25
N THR A 260 -6.59 -20.54 -18.34
CA THR A 260 -7.02 -19.88 -19.56
C THR A 260 -8.27 -20.55 -20.15
N PHE A 261 -8.24 -21.88 -20.25
CA PHE A 261 -9.32 -22.64 -20.89
C PHE A 261 -10.26 -23.30 -19.89
N GLU A 262 -9.75 -23.82 -18.78
CA GLU A 262 -10.58 -24.47 -17.78
C GLU A 262 -10.82 -23.50 -16.63
N PRO A 263 -11.93 -22.77 -16.60
CA PRO A 263 -12.10 -21.74 -15.57
C PRO A 263 -12.40 -22.31 -14.19
N ALA A 264 -13.02 -23.49 -14.11
CA ALA A 264 -13.31 -24.11 -12.82
C ALA A 264 -12.09 -24.81 -12.21
N GLU A 265 -10.97 -24.86 -12.93
CA GLU A 265 -9.80 -25.58 -12.46
C GLU A 265 -8.66 -24.62 -12.15
N PRO A 266 -7.89 -24.88 -11.11
CA PRO A 266 -6.77 -24.00 -10.75
C PRO A 266 -5.60 -24.17 -11.70
N LYS A 267 -4.68 -23.20 -11.65
CA LYS A 267 -3.46 -23.28 -12.42
C LYS A 267 -2.57 -24.41 -11.91
N ALA A 268 -1.78 -24.98 -12.81
CA ALA A 268 -0.86 -26.03 -12.45
C ALA A 268 0.45 -25.47 -11.92
N ALA A 269 1.05 -26.17 -10.96
CA ALA A 269 2.31 -25.74 -10.39
C ALA A 269 3.44 -25.93 -11.39
N LYS A 270 4.37 -24.96 -11.40
CA LYS A 270 5.48 -25.00 -12.34
C LYS A 270 6.42 -26.17 -12.05
N ASN A 271 6.54 -26.58 -10.79
CA ASN A 271 7.44 -27.69 -10.45
C ASN A 271 6.73 -29.03 -10.41
N THR A 272 5.98 -29.36 -11.47
CA THR A 272 5.36 -30.66 -11.59
C THR A 272 5.82 -31.30 -12.89
N TYR A 273 5.81 -32.64 -12.92
CA TYR A 273 6.25 -33.38 -14.09
C TYR A 273 5.47 -32.95 -15.32
N THR A 274 4.13 -32.85 -15.19
CA THR A 274 3.30 -32.46 -16.32
C THR A 274 3.65 -31.06 -16.82
N ALA A 275 3.71 -30.09 -15.91
CA ALA A 275 3.96 -28.71 -16.32
C ALA A 275 5.39 -28.51 -16.78
N GLU A 276 6.35 -29.15 -16.11
CA GLU A 276 7.75 -29.03 -16.53
C GLU A 276 7.97 -29.66 -17.90
N ARG A 277 7.33 -30.81 -18.16
CA ARG A 277 7.44 -31.38 -19.49
C ARG A 277 6.67 -30.53 -20.51
N PHE A 278 5.59 -29.86 -20.10
CA PHE A 278 4.89 -28.96 -21.01
C PHE A 278 5.79 -27.81 -21.43
N ILE A 279 6.50 -27.22 -20.47
CA ILE A 279 7.49 -26.20 -20.80
C ILE A 279 8.57 -26.78 -21.72
N TRP A 280 9.04 -27.99 -21.41
CA TRP A 280 10.08 -28.62 -22.22
C TRP A 280 9.61 -28.83 -23.66
N LEU A 281 8.36 -29.27 -23.84
CA LEU A 281 7.81 -29.50 -25.17
C LEU A 281 7.59 -28.19 -25.91
N THR A 282 7.16 -27.15 -25.21
CA THR A 282 7.08 -25.84 -25.83
C THR A 282 8.45 -25.42 -26.36
N LYS A 283 9.48 -25.55 -25.53
CA LYS A 283 10.84 -25.22 -25.95
C LYS A 283 11.25 -26.04 -27.16
N LEU A 284 10.98 -27.35 -27.14
CA LEU A 284 11.47 -28.23 -28.18
C LEU A 284 10.72 -28.02 -29.49
N ASN A 285 9.40 -28.13 -29.46
CA ASN A 285 8.59 -27.95 -30.67
C ASN A 285 8.81 -26.56 -31.28
N ASN A 286 8.79 -25.52 -30.43
CA ASN A 286 8.94 -24.16 -30.96
C ASN A 286 10.35 -23.85 -31.42
N LEU A 287 11.31 -24.74 -31.18
CA LEU A 287 12.69 -24.46 -31.56
C LEU A 287 12.90 -24.74 -33.05
N ARG A 288 13.59 -23.83 -33.72
CA ARG A 288 13.91 -23.95 -35.13
C ARG A 288 15.40 -23.75 -35.36
N ILE A 289 15.97 -24.57 -36.23
CA ILE A 289 17.35 -24.38 -36.69
C ILE A 289 17.36 -23.74 -38.07
N LEU A 290 18.23 -22.75 -38.25
CA LEU A 290 18.35 -21.99 -39.49
C LEU A 290 19.68 -22.31 -40.14
N GLU A 291 19.65 -22.66 -41.43
CA GLU A 291 20.86 -22.92 -42.22
C GLU A 291 20.71 -22.05 -43.48
N GLN A 292 21.21 -20.82 -43.41
CA GLN A 292 21.10 -19.89 -44.51
C GLN A 292 19.69 -19.40 -44.82
N PRO A 297 12.55 -25.80 -38.60
CA PRO A 297 11.91 -26.69 -37.62
C PRO A 297 12.82 -27.84 -37.21
N LEU A 298 12.24 -28.86 -36.58
CA LEU A 298 12.99 -30.04 -36.18
C LEU A 298 12.09 -31.25 -36.35
N THR A 299 12.56 -32.23 -37.11
CA THR A 299 11.73 -33.39 -37.39
C THR A 299 11.69 -34.32 -36.18
N ASP A 300 10.65 -35.17 -36.17
CA ASP A 300 10.28 -35.87 -34.93
C ASP A 300 11.42 -36.71 -34.36
N THR A 301 12.32 -37.22 -35.21
CA THR A 301 13.42 -38.04 -34.70
C THR A 301 14.41 -37.21 -33.90
N GLU A 302 14.80 -36.04 -34.41
CA GLU A 302 15.75 -35.20 -33.68
C GLU A 302 15.13 -34.71 -32.36
N ARG A 303 13.89 -34.24 -32.40
CA ARG A 303 13.17 -33.90 -31.17
C ARG A 303 13.16 -35.05 -30.19
N ALA A 304 12.91 -36.26 -30.68
CA ALA A 304 12.77 -37.40 -29.80
C ALA A 304 14.11 -37.86 -29.25
N THR A 305 15.19 -37.62 -29.99
CA THR A 305 16.54 -37.74 -29.45
C THR A 305 16.71 -36.84 -28.23
N LEU A 306 16.43 -35.55 -28.42
CA LEU A 306 16.66 -34.60 -27.34
C LEU A 306 15.65 -34.73 -26.21
N MET A 307 14.48 -35.33 -26.47
CA MET A 307 13.32 -35.23 -25.59
C MET A 307 13.65 -35.66 -24.17
N ASP A 308 14.11 -36.89 -24.00
CA ASP A 308 14.37 -37.43 -22.67
C ASP A 308 15.82 -37.27 -22.25
N GLU A 309 16.61 -36.50 -23.00
CA GLU A 309 17.96 -36.20 -22.55
C GLU A 309 17.99 -35.40 -21.26
N PRO A 310 17.30 -34.26 -21.14
CA PRO A 310 17.41 -33.48 -19.88
C PRO A 310 16.87 -34.20 -18.66
N TYR A 311 16.08 -35.26 -18.83
CA TYR A 311 15.42 -35.89 -17.69
C TYR A 311 16.41 -36.50 -16.69
N ARG A 312 17.53 -37.04 -17.18
CA ARG A 312 18.58 -37.64 -16.37
C ARG A 312 19.96 -37.08 -16.65
N LYS A 313 20.23 -36.61 -17.86
CA LYS A 313 21.35 -35.72 -18.06
C LYS A 313 21.07 -34.42 -17.30
N SER A 314 22.06 -33.99 -16.52
CA SER A 314 21.80 -32.99 -15.48
C SER A 314 21.21 -31.70 -16.07
N LYS A 315 21.97 -31.02 -16.92
CA LYS A 315 21.57 -29.74 -17.50
C LYS A 315 21.78 -29.81 -19.01
N LEU A 316 20.75 -29.50 -19.79
CA LEU A 316 20.82 -29.59 -21.24
C LEU A 316 21.03 -28.19 -21.80
N THR A 317 22.27 -27.87 -22.18
CA THR A 317 22.55 -26.60 -22.83
C THR A 317 22.37 -26.77 -24.34
N TYR A 318 22.46 -25.65 -25.08
CA TYR A 318 22.13 -25.68 -26.50
C TYR A 318 23.21 -26.35 -27.33
N ALA A 319 24.48 -26.16 -26.95
CA ALA A 319 25.58 -26.78 -27.70
C ALA A 319 25.53 -28.30 -27.60
N GLN A 320 25.19 -28.83 -26.42
CA GLN A 320 25.02 -30.28 -26.27
C GLN A 320 23.90 -30.79 -27.17
N ALA A 321 22.82 -30.03 -27.29
CA ALA A 321 21.74 -30.41 -28.20
C ALA A 321 22.23 -30.45 -29.64
N ARG A 322 22.95 -29.40 -30.06
CA ARG A 322 23.51 -29.35 -31.40
C ARG A 322 24.34 -30.59 -31.69
N LYS A 323 25.30 -30.90 -30.81
CA LYS A 323 26.17 -32.02 -31.10
C LYS A 323 25.46 -33.37 -30.94
N LEU A 324 24.39 -33.37 -30.15
CA LEU A 324 23.64 -34.60 -29.90
C LEU A 324 22.90 -35.00 -31.14
N LEU A 325 22.43 -34.02 -31.88
CA LEU A 325 21.73 -34.35 -33.10
C LEU A 325 22.68 -34.24 -34.27
N GLY A 326 23.93 -33.92 -34.02
CA GLY A 326 24.90 -33.82 -35.09
C GLY A 326 24.97 -32.42 -35.61
N LEU A 327 23.90 -32.01 -36.28
CA LEU A 327 23.76 -30.70 -36.88
C LEU A 327 24.97 -30.46 -37.73
N GLU A 328 25.70 -29.39 -37.44
CA GLU A 328 26.92 -29.04 -38.14
C GLU A 328 27.69 -27.97 -37.36
N ASP A 329 27.91 -26.89 -38.07
CA ASP A 329 28.57 -25.67 -37.76
C ASP A 329 27.99 -24.67 -38.79
N THR A 330 27.36 -25.22 -39.83
CA THR A 330 26.78 -24.43 -40.94
C THR A 330 25.34 -23.86 -40.81
N ALA A 331 24.54 -24.40 -39.92
CA ALA A 331 23.20 -23.88 -39.76
C ALA A 331 23.01 -23.45 -38.32
N PHE A 332 22.07 -22.55 -38.04
CA PHE A 332 21.91 -22.08 -36.67
C PHE A 332 20.54 -22.17 -36.02
N PHE A 333 20.55 -22.21 -34.69
CA PHE A 333 19.37 -22.26 -33.79
C PHE A 333 19.05 -20.84 -33.40
N LYS A 334 18.02 -20.32 -34.01
CA LYS A 334 17.64 -18.92 -33.91
C LYS A 334 17.26 -18.25 -32.63
N GLY A 335 17.54 -16.96 -32.59
CA GLY A 335 17.04 -16.15 -31.50
C GLY A 335 18.00 -15.86 -30.38
N LEU A 336 19.30 -16.08 -30.57
CA LEU A 336 20.27 -15.99 -29.48
C LEU A 336 21.22 -14.81 -29.68
N ARG A 337 21.52 -14.14 -28.58
CA ARG A 337 22.37 -12.96 -28.55
C ARG A 337 23.84 -13.40 -28.38
N TYR A 338 24.71 -12.41 -28.13
CA TYR A 338 26.09 -12.65 -27.67
C TYR A 338 26.85 -13.63 -28.55
N GLY A 339 26.82 -13.39 -29.86
CA GLY A 339 27.52 -14.26 -30.79
C GLY A 339 29.01 -14.28 -30.54
N LYS A 340 29.58 -13.13 -30.17
CA LYS A 340 31.02 -13.06 -29.92
C LYS A 340 31.42 -13.79 -28.65
N ASP A 341 30.64 -13.63 -27.57
CA ASP A 341 30.97 -14.24 -26.30
C ASP A 341 30.64 -15.73 -26.24
N ASN A 342 29.95 -16.26 -27.25
CA ASN A 342 29.70 -17.69 -27.41
C ASN A 342 28.98 -18.28 -26.20
N ALA A 343 27.82 -17.72 -25.90
CA ALA A 343 26.96 -18.23 -24.83
C ALA A 343 26.12 -19.39 -25.38
N GLU A 344 26.81 -20.50 -25.66
CA GLU A 344 26.16 -21.73 -26.10
C GLU A 344 25.99 -22.73 -24.97
N ALA A 345 26.61 -22.49 -23.82
CA ALA A 345 26.35 -23.25 -22.61
C ALA A 345 25.18 -22.69 -21.82
N SER A 346 24.55 -21.63 -22.31
CA SER A 346 23.29 -21.18 -21.75
C SER A 346 22.28 -22.31 -21.82
N THR A 347 21.74 -22.70 -20.67
CA THR A 347 20.93 -23.91 -20.56
C THR A 347 19.70 -23.83 -21.46
N LEU A 348 19.59 -24.79 -22.38
CA LEU A 348 18.37 -24.91 -23.17
C LEU A 348 17.21 -25.39 -22.32
N MET A 349 17.47 -26.36 -21.44
CA MET A 349 16.46 -26.85 -20.52
C MET A 349 17.10 -27.47 -19.29
N GLU A 350 16.55 -27.11 -18.13
CA GLU A 350 16.85 -27.75 -16.86
C GLU A 350 15.53 -28.32 -16.33
N MET A 351 15.53 -29.60 -15.99
CA MET A 351 14.35 -30.26 -15.42
C MET A 351 14.42 -30.17 -13.90
N LYS A 352 14.16 -28.95 -13.41
CA LYS A 352 14.58 -28.58 -12.05
C LYS A 352 13.79 -29.33 -10.98
N ALA A 353 12.50 -29.56 -11.19
CA ALA A 353 11.69 -30.24 -10.17
C ALA A 353 12.08 -31.70 -10.03
N TYR A 354 12.04 -32.44 -11.15
CA TYR A 354 12.52 -33.81 -11.19
C TYR A 354 13.90 -33.92 -10.57
N HIS A 355 14.81 -33.03 -10.96
CA HIS A 355 16.19 -33.09 -10.51
C HIS A 355 16.31 -32.84 -9.00
N ALA A 356 15.54 -31.87 -8.49
CA ALA A 356 15.60 -31.58 -7.06
C ALA A 356 15.02 -32.73 -6.23
N ILE A 357 13.89 -33.30 -6.69
CA ILE A 357 13.34 -34.48 -6.02
C ILE A 357 14.39 -35.60 -5.98
N SER A 358 15.05 -35.84 -7.11
CA SER A 358 16.06 -36.91 -7.19
C SER A 358 17.23 -36.66 -6.27
N ARG A 359 17.73 -35.44 -6.25
CA ARG A 359 18.82 -35.07 -5.35
C ARG A 359 18.46 -35.32 -3.89
N ALA A 360 17.27 -34.84 -3.52
CA ALA A 360 16.75 -35.03 -2.17
C ALA A 360 16.73 -36.50 -1.79
N LEU A 361 16.06 -37.32 -2.60
CA LEU A 361 15.94 -38.74 -2.30
C LEU A 361 17.28 -39.46 -2.41
N GLU A 362 18.22 -38.93 -3.20
CA GLU A 362 19.53 -39.55 -3.35
C GLU A 362 20.34 -39.42 -2.07
N LYS A 363 20.56 -38.19 -1.60
CA LYS A 363 21.43 -38.02 -0.44
C LYS A 363 20.76 -38.55 0.81
N GLU A 364 19.52 -38.14 1.07
CA GLU A 364 18.86 -38.47 2.33
C GLU A 364 18.27 -39.87 2.33
N GLY A 365 17.46 -40.19 1.32
CA GLY A 365 16.79 -41.48 1.28
C GLY A 365 17.55 -42.55 0.52
N LEU A 366 16.92 -43.10 -0.52
CA LEU A 366 17.52 -44.18 -1.30
C LEU A 366 17.27 -43.93 -2.78
N LYS A 367 18.32 -43.60 -3.52
CA LYS A 367 18.24 -43.46 -4.97
C LYS A 367 19.63 -43.58 -5.54
N ASP A 368 19.83 -44.55 -6.43
CA ASP A 368 21.10 -44.67 -7.13
C ASP A 368 21.27 -43.46 -8.04
N LYS A 369 22.33 -42.68 -7.79
CA LYS A 369 22.57 -41.47 -8.54
C LYS A 369 22.65 -41.74 -10.03
N LYS A 370 23.25 -42.86 -10.42
CA LYS A 370 23.36 -43.19 -11.85
C LYS A 370 22.00 -43.45 -12.47
N SER A 371 21.11 -44.13 -11.75
CA SER A 371 19.85 -44.56 -12.31
C SER A 371 18.80 -43.45 -12.15
N PRO A 372 17.74 -43.47 -13.01
CA PRO A 372 16.69 -42.45 -12.90
C PRO A 372 15.70 -42.78 -11.80
N LEU A 373 15.53 -41.86 -10.86
CA LEU A 373 14.47 -41.99 -9.87
C LEU A 373 13.13 -42.05 -10.58
N ASN A 374 12.23 -42.88 -10.07
CA ASN A 374 10.96 -43.14 -10.72
C ASN A 374 9.82 -42.94 -9.74
N LEU A 375 8.66 -42.56 -10.28
CA LEU A 375 7.44 -42.40 -9.51
C LEU A 375 6.30 -42.23 -10.50
N SER A 376 5.11 -42.68 -10.11
CA SER A 376 3.91 -42.38 -10.89
C SER A 376 3.93 -40.91 -11.28
N SER A 377 3.87 -40.63 -12.59
CA SER A 377 3.92 -39.24 -13.04
C SER A 377 2.91 -38.41 -12.27
N GLU A 378 1.75 -38.99 -11.97
CA GLU A 378 0.78 -38.32 -11.13
C GLU A 378 1.32 -38.10 -9.72
N LEU A 379 2.17 -39.00 -9.22
CA LEU A 379 2.76 -38.80 -7.89
C LEU A 379 3.70 -37.59 -7.88
N GLN A 380 4.55 -37.48 -8.90
CA GLN A 380 5.36 -36.27 -9.04
C GLN A 380 4.48 -35.03 -9.09
N ASP A 381 3.36 -35.10 -9.80
CA ASP A 381 2.45 -33.97 -9.87
C ASP A 381 1.86 -33.64 -8.51
N GLU A 382 1.49 -34.66 -7.74
CA GLU A 382 0.91 -34.45 -6.42
C GLU A 382 1.90 -33.80 -5.48
N ILE A 383 3.16 -34.26 -5.49
CA ILE A 383 4.13 -33.67 -4.57
C ILE A 383 4.53 -32.25 -5.01
N GLY A 384 4.62 -32.02 -6.32
CA GLY A 384 4.86 -30.66 -6.79
C GLY A 384 3.73 -29.72 -6.41
N THR A 385 2.49 -30.15 -6.62
CA THR A 385 1.33 -29.35 -6.22
C THR A 385 1.32 -29.10 -4.73
N ALA A 386 1.60 -30.13 -3.93
CA ALA A 386 1.54 -30.02 -2.48
C ALA A 386 2.60 -29.07 -1.95
N PHE A 387 3.78 -29.07 -2.57
CA PHE A 387 4.86 -28.20 -2.10
C PHE A 387 4.72 -26.78 -2.63
N SER A 388 4.05 -26.59 -3.76
CA SER A 388 3.81 -25.23 -4.25
C SER A 388 2.63 -24.58 -3.54
N LEU A 389 1.60 -25.36 -3.22
CA LEU A 389 0.37 -24.83 -2.66
C LEU A 389 0.38 -24.77 -1.14
N PHE A 390 1.12 -25.66 -0.49
CA PHE A 390 1.23 -25.68 0.96
C PHE A 390 2.70 -25.71 1.33
N LYS A 391 3.07 -24.98 2.39
CA LYS A 391 4.47 -24.84 2.75
C LYS A 391 4.83 -25.41 4.12
N THR A 392 3.87 -25.54 5.03
CA THR A 392 4.17 -26.13 6.33
C THR A 392 3.91 -27.63 6.32
N ASP A 393 4.64 -28.34 7.18
CA ASP A 393 4.62 -29.80 7.15
C ASP A 393 3.23 -30.35 7.46
N GLU A 394 2.49 -29.69 8.34
CA GLU A 394 1.14 -30.15 8.67
C GLU A 394 0.27 -30.21 7.42
N ASP A 395 0.15 -29.08 6.69
CA ASP A 395 -0.65 -29.04 5.48
C ASP A 395 -0.13 -30.00 4.42
N ILE A 396 1.19 -30.04 4.24
CA ILE A 396 1.79 -30.87 3.19
C ILE A 396 1.47 -32.34 3.42
N THR A 397 1.70 -32.83 4.64
CA THR A 397 1.35 -34.22 4.95
C THR A 397 -0.15 -34.43 4.87
N GLY A 398 -0.95 -33.49 5.36
CA GLY A 398 -2.39 -33.60 5.25
C GLY A 398 -2.87 -33.74 3.81
N ARG A 399 -2.07 -33.30 2.85
CA ARG A 399 -2.40 -33.57 1.45
C ARG A 399 -1.62 -34.75 0.87
N LEU A 400 -0.56 -35.22 1.51
CA LEU A 400 0.26 -36.31 0.99
C LEU A 400 0.23 -37.56 1.86
N LYS A 401 -0.60 -37.60 2.89
CA LYS A 401 -0.62 -38.76 3.79
C LYS A 401 -1.20 -39.98 3.10
N ASP A 402 -2.45 -39.87 2.63
CA ASP A 402 -3.12 -41.00 2.01
C ASP A 402 -2.70 -41.22 0.56
N ARG A 403 -2.08 -40.23 -0.07
CA ARG A 403 -1.75 -40.34 -1.48
C ARG A 403 -0.43 -41.06 -1.72
N VAL A 404 0.52 -40.94 -0.79
CA VAL A 404 1.78 -41.68 -0.88
C VAL A 404 2.30 -41.98 0.53
N GLN A 405 3.45 -42.70 0.61
CA GLN A 405 3.97 -43.38 1.79
C GLN A 405 5.14 -42.61 2.42
N PRO A 406 5.44 -42.88 3.73
CA PRO A 406 6.12 -41.87 4.56
C PRO A 406 7.64 -41.68 4.44
N GLU A 407 8.43 -42.68 4.04
CA GLU A 407 9.88 -42.47 4.00
C GLU A 407 10.26 -41.37 3.01
N ILE A 408 9.82 -41.53 1.76
CA ILE A 408 10.03 -40.48 0.76
C ILE A 408 9.40 -39.18 1.20
N LEU A 409 8.27 -39.26 1.92
CA LEU A 409 7.60 -38.04 2.38
C LEU A 409 8.49 -37.27 3.36
N GLU A 410 9.12 -37.97 4.29
CA GLU A 410 10.02 -37.31 5.23
C GLU A 410 11.21 -36.69 4.50
N ALA A 411 11.82 -37.43 3.58
CA ALA A 411 12.95 -36.89 2.84
C ALA A 411 12.54 -35.63 2.06
N LEU A 412 11.41 -35.69 1.36
CA LEU A 412 10.95 -34.57 0.56
C LEU A 412 10.56 -33.38 1.42
N LEU A 413 9.89 -33.64 2.56
CA LEU A 413 9.56 -32.57 3.50
C LEU A 413 10.80 -31.88 4.02
N LYS A 414 11.90 -32.62 4.14
CA LYS A 414 13.12 -32.01 4.65
C LYS A 414 13.92 -31.28 3.57
N HIS A 415 13.75 -31.62 2.28
CA HIS A 415 14.68 -31.06 1.29
C HIS A 415 14.06 -30.15 0.23
N ILE A 416 12.82 -30.38 -0.23
CA ILE A 416 12.31 -29.72 -1.44
C ILE A 416 11.57 -28.44 -1.08
N SER A 417 11.69 -27.44 -1.95
CA SER A 417 10.93 -26.19 -1.81
C SER A 417 10.67 -25.63 -3.20
N PHE A 418 9.39 -25.61 -3.60
CA PHE A 418 8.98 -25.16 -4.93
C PHE A 418 8.04 -23.96 -4.78
N ASP A 419 8.09 -23.03 -5.75
CA ASP A 419 7.47 -21.74 -5.50
C ASP A 419 6.78 -21.05 -6.67
N LYS A 420 6.52 -21.69 -7.81
CA LYS A 420 5.83 -20.96 -8.87
C LYS A 420 4.85 -21.83 -9.64
N PHE A 421 4.07 -21.18 -10.49
CA PHE A 421 2.96 -21.79 -11.21
C PHE A 421 3.04 -21.47 -12.70
N VAL A 422 2.18 -22.11 -13.47
CA VAL A 422 1.99 -21.81 -14.89
C VAL A 422 0.54 -21.38 -15.10
N GLN A 423 0.18 -21.09 -16.35
CA GLN A 423 -1.12 -20.48 -16.64
C GLN A 423 -2.21 -21.46 -17.02
N ILE A 424 -1.86 -22.71 -17.34
CA ILE A 424 -2.84 -23.69 -17.77
C ILE A 424 -3.06 -24.69 -16.62
N SER A 425 -4.30 -25.16 -16.50
CA SER A 425 -4.65 -26.11 -15.45
C SER A 425 -4.01 -27.46 -15.71
N LEU A 426 -4.01 -28.31 -14.68
CA LEU A 426 -3.47 -29.66 -14.83
C LEU A 426 -4.33 -30.51 -15.76
N LYS A 427 -5.64 -30.28 -15.77
CA LYS A 427 -6.51 -31.00 -16.71
C LYS A 427 -6.20 -30.61 -18.15
N ALA A 428 -6.21 -29.32 -18.44
CA ALA A 428 -5.89 -28.85 -19.77
C ALA A 428 -4.48 -29.27 -20.19
N LEU A 429 -3.54 -29.29 -19.24
CA LEU A 429 -2.18 -29.73 -19.58
C LEU A 429 -2.16 -31.21 -19.93
N ARG A 430 -2.78 -32.05 -19.09
CA ARG A 430 -2.84 -33.48 -19.40
C ARG A 430 -3.54 -33.73 -20.72
N ARG A 431 -4.42 -32.81 -21.14
CA ARG A 431 -5.03 -32.92 -22.46
C ARG A 431 -4.11 -32.45 -23.58
N ILE A 432 -3.27 -31.45 -23.31
CA ILE A 432 -2.47 -30.81 -24.36
C ILE A 432 -1.15 -31.54 -24.60
N VAL A 433 -0.41 -31.83 -23.54
CA VAL A 433 0.93 -32.44 -23.63
C VAL A 433 0.97 -33.66 -24.55
N PRO A 434 -0.02 -34.56 -24.54
CA PRO A 434 0.01 -35.65 -25.54
C PRO A 434 0.11 -35.18 -26.97
N LEU A 435 -0.69 -34.18 -27.37
CA LEU A 435 -0.62 -33.69 -28.74
C LEU A 435 0.72 -33.02 -29.02
N MET A 436 1.34 -32.43 -28.00
CA MET A 436 2.64 -31.78 -28.20
C MET A 436 3.77 -32.79 -28.31
N GLU A 437 3.67 -33.93 -27.61
CA GLU A 437 4.65 -34.99 -27.80
C GLU A 437 4.60 -35.54 -29.22
N GLN A 438 3.42 -35.56 -29.83
CA GLN A 438 3.28 -36.00 -31.20
C GLN A 438 3.87 -35.02 -32.20
N GLY A 439 4.18 -33.79 -31.77
CA GLY A 439 4.79 -32.78 -32.61
C GLY A 439 3.97 -31.52 -32.77
N LYS A 440 2.68 -31.57 -32.48
CA LYS A 440 1.80 -30.43 -32.68
C LYS A 440 2.17 -29.29 -31.73
N ARG A 441 1.77 -28.07 -32.10
CA ARG A 441 2.14 -26.89 -31.34
C ARG A 441 1.10 -26.55 -30.28
N TYR A 442 1.42 -25.56 -29.46
CA TYR A 442 0.49 -25.11 -28.43
C TYR A 442 -0.81 -24.62 -29.06
N ASP A 443 -0.71 -23.72 -30.04
CA ASP A 443 -1.91 -23.21 -30.70
C ASP A 443 -2.64 -24.32 -31.44
N GLU A 444 -1.92 -25.24 -32.08
CA GLU A 444 -2.60 -26.30 -32.78
C GLU A 444 -3.33 -27.23 -31.81
N ALA A 445 -2.68 -27.59 -30.69
CA ALA A 445 -3.34 -28.46 -29.71
C ALA A 445 -4.54 -27.77 -29.08
N CYS A 446 -4.40 -26.49 -28.76
CA CYS A 446 -5.51 -25.75 -28.16
C CYS A 446 -6.67 -25.62 -29.15
N ALA A 447 -6.39 -25.43 -30.43
CA ALA A 447 -7.46 -25.32 -31.41
C ALA A 447 -8.12 -26.67 -31.66
N GLU A 448 -7.32 -27.74 -31.72
CA GLU A 448 -7.87 -29.08 -31.91
C GLU A 448 -8.74 -29.51 -30.74
N ILE A 449 -8.42 -29.03 -29.53
CA ILE A 449 -9.20 -29.43 -28.36
C ILE A 449 -10.39 -28.51 -28.13
N TYR A 450 -10.17 -27.20 -28.12
CA TYR A 450 -11.19 -26.23 -27.74
C TYR A 450 -11.82 -25.50 -28.91
N GLY A 451 -11.54 -25.93 -30.14
CA GLY A 451 -12.28 -25.45 -31.28
C GLY A 451 -11.90 -24.08 -31.82
N ASP A 452 -10.85 -23.46 -31.29
CA ASP A 452 -10.29 -22.23 -31.86
C ASP A 452 -11.32 -21.10 -31.95
N HIS A 453 -12.20 -21.03 -30.94
CA HIS A 453 -13.17 -19.94 -30.82
C HIS A 453 -13.23 -19.33 -29.43
N TYR A 454 -12.78 -20.03 -28.39
CA TYR A 454 -12.86 -19.57 -26.99
C TYR A 454 -12.35 -18.14 -26.81
N THR A 459 -19.20 -12.89 -24.29
CA THR A 459 -18.88 -11.47 -24.22
C THR A 459 -20.15 -10.61 -24.28
N GLU A 460 -20.94 -10.68 -23.22
CA GLU A 460 -22.24 -10.02 -23.20
C GLU A 460 -22.09 -8.50 -23.17
N GLU A 461 -23.02 -7.82 -23.84
CA GLU A 461 -23.09 -6.36 -23.85
C GLU A 461 -24.32 -5.91 -23.05
N LYS A 462 -24.22 -4.72 -22.47
CA LYS A 462 -25.26 -4.23 -21.57
C LYS A 462 -25.50 -2.74 -21.80
N ILE A 463 -26.70 -2.30 -21.41
CA ILE A 463 -27.09 -0.90 -21.57
C ILE A 463 -26.30 -0.01 -20.62
N TYR A 464 -26.03 -0.49 -19.42
CA TYR A 464 -25.16 0.18 -18.46
C TYR A 464 -23.85 -0.61 -18.35
N LEU A 465 -22.73 0.10 -18.24
CA LEU A 465 -21.47 -0.59 -18.00
C LEU A 465 -21.45 -1.09 -16.55
N PRO A 466 -21.32 -2.40 -16.33
CA PRO A 466 -21.34 -2.92 -14.96
C PRO A 466 -20.07 -2.53 -14.21
N PRO A 467 -19.98 -2.82 -12.91
CA PRO A 467 -18.82 -2.37 -12.14
C PRO A 467 -17.52 -2.92 -12.69
N ILE A 468 -16.46 -2.14 -12.51
CA ILE A 468 -15.13 -2.50 -13.01
C ILE A 468 -14.62 -3.69 -12.22
N PRO A 469 -13.79 -4.54 -12.81
CA PRO A 469 -13.01 -5.48 -12.01
C PRO A 469 -11.64 -4.91 -11.68
N ALA A 470 -11.24 -5.10 -10.43
CA ALA A 470 -9.95 -4.66 -9.95
C ALA A 470 -8.89 -5.77 -10.04
N ASP A 471 -9.32 -7.01 -10.25
CA ASP A 471 -8.47 -8.19 -10.16
C ASP A 471 -7.53 -8.36 -11.36
N GLU A 472 -7.52 -7.43 -12.31
CA GLU A 472 -6.71 -7.59 -13.52
C GLU A 472 -5.58 -6.57 -13.65
N ILE A 473 -5.38 -5.68 -12.68
CA ILE A 473 -4.25 -4.78 -12.72
C ILE A 473 -3.87 -4.39 -11.28
N ARG A 474 -2.58 -4.18 -11.09
CA ARG A 474 -2.05 -3.85 -9.76
C ARG A 474 -2.44 -2.45 -9.32
N ASN A 475 -2.40 -1.49 -10.23
CA ASN A 475 -2.44 -0.06 -9.91
C ASN A 475 -3.76 0.35 -9.27
N PRO A 476 -3.76 0.77 -8.00
CA PRO A 476 -4.98 1.36 -7.44
C PRO A 476 -5.30 2.71 -8.04
N VAL A 477 -4.27 3.45 -8.48
CA VAL A 477 -4.49 4.74 -9.15
C VAL A 477 -5.32 4.53 -10.41
N VAL A 478 -4.84 3.65 -11.29
CA VAL A 478 -5.58 3.33 -12.51
C VAL A 478 -6.92 2.70 -12.17
N LEU A 479 -6.97 1.82 -11.16
CA LEU A 479 -8.24 1.19 -10.84
C LEU A 479 -9.29 2.21 -10.45
N ARG A 480 -8.95 3.10 -9.52
CA ARG A 480 -9.88 4.13 -9.12
C ARG A 480 -10.21 5.06 -10.29
N ALA A 481 -9.19 5.45 -11.06
CA ALA A 481 -9.41 6.33 -12.19
C ALA A 481 -10.42 5.74 -13.15
N LEU A 482 -10.36 4.44 -13.37
CA LEU A 482 -11.27 3.82 -14.33
C LEU A 482 -12.62 3.48 -13.74
N SER A 483 -12.70 3.22 -12.44
CA SER A 483 -14.02 3.11 -11.81
C SER A 483 -14.75 4.45 -11.89
N GLN A 484 -14.03 5.55 -11.70
CA GLN A 484 -14.65 6.87 -11.85
C GLN A 484 -14.92 7.19 -13.32
N ALA A 485 -14.06 6.75 -14.23
CA ALA A 485 -14.34 6.86 -15.66
C ALA A 485 -15.64 6.15 -16.01
N ARG A 486 -15.84 4.95 -15.45
CA ARG A 486 -17.06 4.20 -15.68
C ARG A 486 -18.26 4.91 -15.10
N LYS A 487 -18.12 5.46 -13.88
CA LYS A 487 -19.18 6.27 -13.31
C LYS A 487 -19.57 7.40 -14.26
N VAL A 488 -18.57 8.09 -14.82
CA VAL A 488 -18.83 9.25 -15.66
C VAL A 488 -19.53 8.83 -16.95
N ILE A 489 -19.02 7.79 -17.60
CA ILE A 489 -19.61 7.39 -18.87
C ILE A 489 -21.00 6.79 -18.64
N ASN A 490 -21.24 6.18 -17.48
CA ASN A 490 -22.57 5.69 -17.18
C ASN A 490 -23.53 6.82 -16.83
N GLY A 491 -23.03 7.91 -16.28
CA GLY A 491 -23.86 9.10 -16.13
C GLY A 491 -24.24 9.69 -17.48
N VAL A 492 -23.28 9.71 -18.41
CA VAL A 492 -23.57 10.11 -19.79
C VAL A 492 -24.64 9.18 -20.39
N VAL A 493 -24.50 7.87 -20.17
CA VAL A 493 -25.44 6.91 -20.74
C VAL A 493 -26.82 7.08 -20.13
N ARG A 494 -26.89 7.32 -18.82
CA ARG A 494 -28.15 7.53 -18.13
C ARG A 494 -28.85 8.79 -18.62
N ARG A 495 -28.23 9.95 -18.39
CA ARG A 495 -28.90 11.20 -18.72
C ARG A 495 -29.08 11.35 -20.24
N TYR A 496 -27.98 11.45 -20.98
CA TYR A 496 -28.03 11.79 -22.40
C TYR A 496 -28.11 10.55 -23.28
N GLY A 497 -29.09 9.70 -23.00
CA GLY A 497 -29.37 8.51 -23.78
C GLY A 497 -28.22 7.52 -23.91
N SER A 498 -28.44 6.43 -24.63
CA SER A 498 -27.33 5.54 -24.87
C SER A 498 -26.52 6.05 -26.06
N PRO A 499 -25.20 5.98 -26.02
CA PRO A 499 -24.37 6.59 -27.06
C PRO A 499 -23.99 5.59 -28.15
N ALA A 500 -23.27 6.11 -29.14
CA ALA A 500 -22.75 5.29 -30.23
C ALA A 500 -21.82 4.20 -29.68
N ILE A 502 -17.06 6.84 -27.78
CA ILE A 502 -16.72 7.16 -26.41
C ILE A 502 -15.28 7.60 -26.36
N HIS A 503 -14.43 6.93 -27.14
CA HIS A 503 -13.09 7.41 -27.46
C HIS A 503 -12.22 7.56 -26.22
N ILE A 504 -11.81 6.40 -25.68
CA ILE A 504 -10.84 6.34 -24.59
C ILE A 504 -9.62 7.21 -24.89
N GLU A 505 -9.09 7.87 -23.85
CA GLU A 505 -7.85 8.63 -23.97
C GLU A 505 -7.20 8.69 -22.59
N THR A 506 -6.19 7.86 -22.38
CA THR A 506 -5.44 7.84 -21.13
C THR A 506 -4.11 8.54 -21.34
N ALA A 507 -3.68 9.30 -20.34
CA ALA A 507 -2.49 10.14 -20.44
C ALA A 507 -1.21 9.35 -20.20
N ARG A 508 -0.10 9.90 -20.71
CA ARG A 508 1.20 9.29 -20.49
C ARG A 508 1.53 9.23 -19.00
N GLU A 509 1.10 10.25 -18.24
CA GLU A 509 1.29 10.22 -16.80
C GLU A 509 0.33 9.27 -16.12
N VAL A 510 -0.81 9.00 -16.75
CA VAL A 510 -1.91 8.31 -16.07
C VAL A 510 -1.69 6.80 -15.92
N GLY A 511 -0.84 6.21 -16.78
CA GLY A 511 -0.77 4.75 -16.81
C GLY A 511 -0.07 4.15 -15.60
N LYS A 512 1.12 4.63 -15.29
CA LYS A 512 1.93 4.09 -14.21
C LYS A 512 3.02 5.10 -13.90
N SER A 513 3.05 5.64 -12.68
CA SER A 513 3.68 6.93 -12.47
C SER A 513 4.90 6.94 -11.54
N PHE A 514 4.72 6.75 -10.23
CA PHE A 514 5.32 7.74 -9.30
C PHE A 514 6.76 8.10 -9.61
N LYS A 515 7.67 7.12 -9.57
CA LYS A 515 9.08 7.46 -9.79
C LYS A 515 9.25 8.14 -11.14
N ASP A 516 8.65 7.56 -12.18
CA ASP A 516 8.68 8.17 -13.50
C ASP A 516 7.93 9.49 -13.52
N ARG A 517 6.79 9.56 -12.85
CA ARG A 517 6.01 10.80 -12.82
C ARG A 517 6.75 11.91 -12.09
N LYS A 518 7.32 11.59 -10.92
CA LYS A 518 8.10 12.60 -10.20
C LYS A 518 9.32 13.03 -11.01
N GLU A 519 9.94 12.10 -11.74
CA GLU A 519 11.03 12.47 -12.63
C GLU A 519 10.57 13.42 -13.72
N ILE A 520 9.39 13.17 -14.30
CA ILE A 520 8.89 14.01 -15.37
C ILE A 520 8.58 15.42 -14.87
N GLU A 521 8.13 15.55 -13.62
CA GLU A 521 7.80 16.85 -13.06
C GLU A 521 9.03 17.76 -12.96
N PHE A 677 -6.49 -2.16 -19.24
CA PHE A 677 -7.47 -3.10 -18.69
C PHE A 677 -8.88 -2.64 -18.99
N LEU A 678 -9.08 -1.32 -19.00
CA LEU A 678 -10.40 -0.83 -19.35
C LEU A 678 -10.68 -0.99 -20.84
N CYS A 679 -9.63 -0.98 -21.68
CA CYS A 679 -9.83 -1.20 -23.11
C CYS A 679 -10.61 -2.48 -23.36
N GLN A 680 -10.11 -3.61 -22.82
CA GLN A 680 -10.79 -4.88 -22.98
C GLN A 680 -12.16 -4.89 -22.29
N PHE A 681 -12.27 -4.26 -21.13
CA PHE A 681 -13.53 -4.25 -20.39
C PHE A 681 -14.63 -3.57 -21.19
N VAL A 682 -14.38 -2.35 -21.68
CA VAL A 682 -15.38 -1.70 -22.53
C VAL A 682 -15.56 -2.49 -23.82
N ALA A 683 -14.47 -3.05 -24.37
CA ALA A 683 -14.56 -3.78 -25.64
C ALA A 683 -15.59 -4.89 -25.56
N ASP A 684 -15.61 -5.62 -24.44
CA ASP A 684 -16.49 -6.78 -24.30
C ASP A 684 -17.82 -6.51 -23.60
N HIS A 685 -17.96 -5.41 -22.86
CA HIS A 685 -19.11 -5.26 -21.94
C HIS A 685 -20.07 -4.11 -22.25
N ILE A 686 -19.98 -3.43 -23.38
CA ILE A 686 -20.94 -2.36 -23.68
C ILE A 686 -21.09 -2.17 -25.18
N LEU A 687 -22.15 -1.42 -25.54
CA LEU A 687 -22.69 -1.35 -26.88
C LEU A 687 -21.84 -0.52 -27.83
N LEU A 688 -22.00 -0.82 -29.12
CA LEU A 688 -21.53 0.01 -30.22
C LEU A 688 -22.59 -0.03 -31.30
N THR A 689 -22.91 1.13 -31.87
CA THR A 689 -24.03 1.21 -32.81
C THR A 689 -23.53 1.15 -34.26
N GLY A 690 -23.10 -0.05 -34.63
CA GLY A 690 -22.92 -0.42 -36.03
C GLY A 690 -22.03 0.48 -36.86
N LYS A 691 -20.92 0.95 -36.30
CA LYS A 691 -19.92 1.69 -37.07
C LYS A 691 -18.92 0.67 -37.61
N GLY A 692 -19.34 -0.06 -38.63
CA GLY A 692 -18.57 -1.20 -39.07
C GLY A 692 -18.52 -2.23 -37.96
N LYS A 693 -17.32 -2.55 -37.49
CA LYS A 693 -17.20 -3.41 -36.33
C LYS A 693 -17.43 -2.64 -35.03
N ARG A 694 -16.86 -1.45 -34.92
CA ARG A 694 -16.77 -0.76 -33.64
C ARG A 694 -17.14 0.72 -33.77
N ARG A 695 -17.87 1.21 -32.76
CA ARG A 695 -18.20 2.62 -32.60
C ARG A 695 -17.29 3.29 -31.57
N VAL A 696 -16.05 2.83 -31.48
CA VAL A 696 -15.06 3.30 -30.52
C VAL A 696 -13.86 3.83 -31.31
N PHE A 697 -13.07 4.69 -30.66
CA PHE A 697 -11.83 5.18 -31.25
C PHE A 697 -10.81 5.35 -30.12
N ALA A 698 -9.79 4.49 -30.10
CA ALA A 698 -8.72 4.60 -29.12
C ALA A 698 -7.77 5.72 -29.56
N SER A 699 -7.71 6.80 -28.78
CA SER A 699 -6.99 7.99 -29.18
C SER A 699 -5.52 7.95 -28.75
N ASN A 700 -4.75 8.88 -29.30
CA ASN A 700 -3.29 8.86 -29.30
C ASN A 700 -2.73 10.25 -28.96
N GLY A 701 -3.11 10.79 -27.80
CA GLY A 701 -2.91 12.18 -27.40
C GLY A 701 -1.69 12.95 -27.90
N GLN A 702 -0.60 12.26 -28.23
CA GLN A 702 0.48 12.85 -29.01
C GLN A 702 -0.07 13.64 -30.20
N ILE A 703 -0.84 12.94 -31.03
CA ILE A 703 -1.58 13.57 -32.12
C ILE A 703 -2.40 14.74 -31.60
N THR A 704 -3.00 14.58 -30.42
CA THR A 704 -3.80 15.68 -29.86
C THR A 704 -2.95 16.92 -29.65
N ASN A 705 -1.75 16.75 -29.06
CA ASN A 705 -0.86 17.89 -28.88
C ASN A 705 -0.54 18.57 -30.21
N LEU A 706 -0.34 17.77 -31.27
CA LEU A 706 0.01 18.39 -32.56
C LEU A 706 -1.19 19.04 -33.25
N LEU A 707 -2.39 18.47 -33.10
CA LEU A 707 -3.55 18.81 -33.93
C LEU A 707 -4.14 20.17 -33.62
N ARG A 708 -3.81 20.76 -32.47
CA ARG A 708 -4.60 21.87 -31.95
C ARG A 708 -4.43 23.10 -32.83
N GLY A 709 -5.01 23.05 -34.03
CA GLY A 709 -4.92 24.10 -35.01
C GLY A 709 -6.15 24.10 -35.91
N GLU A 719 -0.29 26.44 -14.26
CA GLU A 719 -1.40 27.39 -14.18
C GLU A 719 -2.52 27.00 -15.13
N ASN A 720 -3.31 26.00 -14.75
CA ASN A 720 -4.33 25.47 -15.63
C ASN A 720 -5.67 25.33 -14.91
N ASP A 721 -6.72 25.64 -15.65
CA ASP A 721 -8.11 25.51 -15.24
C ASP A 721 -8.62 24.13 -15.67
N ARG A 722 -9.93 23.97 -15.77
CA ARG A 722 -10.54 22.71 -16.22
C ARG A 722 -10.18 22.53 -17.69
N HIS A 723 -8.97 22.05 -17.91
CA HIS A 723 -8.37 22.03 -19.24
C HIS A 723 -8.57 20.70 -19.95
N HIS A 724 -9.37 19.80 -19.39
CA HIS A 724 -9.50 18.46 -19.94
C HIS A 724 -10.54 18.33 -21.03
N ALA A 725 -11.18 19.43 -21.45
CA ALA A 725 -11.98 19.37 -22.67
C ALA A 725 -11.10 18.94 -23.85
N LEU A 726 -9.84 19.40 -23.84
CA LEU A 726 -8.89 19.11 -24.90
C LEU A 726 -8.84 17.62 -25.19
N ASP A 727 -8.43 16.82 -24.19
CA ASP A 727 -8.21 15.41 -24.43
C ASP A 727 -9.52 14.69 -24.71
N ALA A 728 -10.62 15.15 -24.10
CA ALA A 728 -11.91 14.49 -24.27
C ALA A 728 -12.35 14.54 -25.72
N VAL A 729 -12.52 15.75 -26.26
CA VAL A 729 -13.00 15.81 -27.64
C VAL A 729 -11.90 15.52 -28.67
N VAL A 730 -10.63 15.69 -28.36
CA VAL A 730 -9.64 15.26 -29.34
C VAL A 730 -9.62 13.74 -29.41
N VAL A 731 -9.98 13.06 -28.32
CA VAL A 731 -10.21 11.63 -28.42
C VAL A 731 -11.46 11.35 -29.24
N ALA A 732 -12.53 12.12 -28.98
CA ALA A 732 -13.82 11.85 -29.62
C ALA A 732 -13.71 11.84 -31.13
N CYS A 733 -12.98 12.79 -31.71
CA CYS A 733 -12.91 12.92 -33.15
C CYS A 733 -11.50 12.70 -33.65
N THR A 735 -10.17 7.71 -36.15
CA THR A 735 -10.21 7.24 -37.53
C THR A 735 -9.88 8.37 -38.51
N VAL A 736 -8.68 8.93 -38.39
CA VAL A 736 -8.25 10.05 -39.20
C VAL A 736 -6.92 9.72 -39.86
N ALA A 737 -6.65 10.41 -40.97
CA ALA A 737 -5.40 10.21 -41.70
C ALA A 737 -4.20 10.69 -40.88
N MET A 738 -4.35 11.81 -40.18
CA MET A 738 -3.31 12.36 -39.30
C MET A 738 -1.99 12.59 -40.04
N PRO A 776 -5.51 15.62 -40.19
CA PRO A 776 -5.35 17.06 -39.94
C PRO A 776 -6.56 17.86 -40.41
N TRP A 777 -7.75 17.28 -40.25
CA TRP A 777 -8.96 17.84 -40.84
C TRP A 777 -9.41 19.09 -40.08
N GLU A 778 -9.97 20.08 -40.79
CA GLU A 778 -10.42 21.31 -40.13
C GLU A 778 -11.92 21.36 -39.80
N PHE A 779 -12.21 21.98 -38.66
CA PHE A 779 -13.49 22.61 -38.38
C PHE A 779 -13.12 23.92 -37.70
N PHE A 780 -14.08 24.59 -37.05
CA PHE A 780 -13.79 25.84 -36.37
C PHE A 780 -13.90 25.66 -34.86
N ALA A 781 -13.10 26.42 -34.13
CA ALA A 781 -12.98 26.26 -32.67
C ALA A 781 -13.76 27.30 -31.90
N GLN A 782 -13.55 28.59 -32.22
CA GLN A 782 -13.73 29.70 -31.28
C GLN A 782 -14.84 29.51 -30.26
N GLU A 783 -15.98 28.97 -30.70
CA GLU A 783 -17.06 28.66 -29.76
C GLU A 783 -16.59 27.77 -28.62
N VAL A 784 -15.95 26.63 -28.94
CA VAL A 784 -15.60 25.65 -27.91
C VAL A 784 -14.82 26.30 -26.77
N MET A 785 -13.87 27.17 -27.12
CA MET A 785 -13.14 27.90 -26.08
C MET A 785 -14.08 28.72 -25.21
N ILE A 786 -15.07 29.37 -25.82
CA ILE A 786 -15.97 30.23 -25.06
C ILE A 786 -16.96 29.42 -24.21
N ARG A 787 -17.28 28.20 -24.63
CA ARG A 787 -18.15 27.36 -23.81
C ARG A 787 -17.39 26.75 -22.64
N VAL A 788 -16.13 26.36 -22.87
CA VAL A 788 -15.30 25.82 -21.79
C VAL A 788 -15.07 26.87 -20.71
N PHE A 789 -14.77 28.11 -21.12
CA PHE A 789 -14.61 29.21 -20.18
C PHE A 789 -15.46 30.37 -20.65
N GLY A 790 -16.34 30.86 -19.77
CA GLY A 790 -17.15 32.02 -20.09
C GLY A 790 -16.32 33.28 -20.32
N LYS A 791 -15.09 33.31 -19.82
CA LYS A 791 -14.20 34.44 -20.01
C LYS A 791 -13.23 34.25 -21.17
N PRO A 792 -13.43 33.21 -21.97
CA PRO A 792 -12.49 32.79 -23.01
C PRO A 792 -12.84 33.43 -24.36
N ASP A 793 -12.26 32.88 -25.43
CA ASP A 793 -12.35 33.43 -26.78
C ASP A 793 -11.77 34.84 -26.80
N GLY A 794 -10.60 34.98 -26.16
CA GLY A 794 -9.97 36.26 -25.99
C GLY A 794 -9.35 36.44 -24.60
N LYS A 795 -9.32 37.69 -24.13
CA LYS A 795 -8.61 38.03 -22.90
C LYS A 795 -9.38 37.55 -21.67
N PRO A 796 -8.67 37.14 -20.61
CA PRO A 796 -9.33 36.54 -19.44
C PRO A 796 -9.89 37.52 -18.42
N GLU A 797 -9.77 38.83 -18.63
CA GLU A 797 -10.44 39.82 -17.78
C GLU A 797 -11.95 39.87 -18.03
N PHE A 798 -12.41 39.15 -19.06
CA PHE A 798 -13.80 38.91 -19.44
C PHE A 798 -14.70 38.56 -18.26
N GLU A 799 -15.98 38.88 -18.35
CA GLU A 799 -16.88 38.75 -17.22
C GLU A 799 -17.16 37.30 -16.81
N GLU A 800 -17.01 36.35 -17.73
CA GLU A 800 -17.20 34.95 -17.37
C GLU A 800 -18.61 34.67 -16.86
N ALA A 801 -19.58 34.69 -17.77
CA ALA A 801 -21.00 34.51 -17.47
C ALA A 801 -21.22 33.52 -16.35
N ASP A 802 -21.82 34.01 -15.26
CA ASP A 802 -22.08 33.18 -14.08
C ASP A 802 -23.36 32.39 -14.20
N THR A 803 -24.29 32.88 -14.99
CA THR A 803 -25.57 32.21 -15.19
C THR A 803 -25.57 31.46 -16.51
N PRO A 804 -26.51 30.53 -16.71
CA PRO A 804 -26.63 29.90 -18.03
C PRO A 804 -27.08 30.86 -19.13
N GLU A 805 -27.88 31.87 -18.81
CA GLU A 805 -28.39 32.68 -19.90
C GLU A 805 -27.39 33.74 -20.37
N LYS A 806 -26.58 34.29 -19.47
CA LYS A 806 -25.47 35.10 -19.94
C LYS A 806 -24.55 34.26 -20.81
N LEU A 807 -24.41 32.97 -20.49
CA LEU A 807 -23.63 32.07 -21.33
C LEU A 807 -24.23 31.98 -22.73
N ARG A 808 -25.52 31.67 -22.83
CA ARG A 808 -26.15 31.52 -24.14
C ARG A 808 -26.12 32.84 -24.90
N THR A 809 -26.59 33.93 -24.26
CA THR A 809 -26.57 35.24 -24.92
C THR A 809 -25.17 35.58 -25.38
N LEU A 810 -24.20 35.60 -24.46
CA LEU A 810 -22.82 35.99 -24.75
C LEU A 810 -22.23 35.18 -25.90
N LEU A 811 -22.24 33.85 -25.78
CA LEU A 811 -21.64 33.01 -26.80
C LEU A 811 -22.34 33.18 -28.14
N ALA A 812 -23.69 33.11 -28.15
CA ALA A 812 -24.45 33.29 -29.37
C ALA A 812 -24.08 34.59 -30.07
N GLU A 813 -24.18 35.71 -29.35
CA GLU A 813 -24.00 37.03 -29.96
C GLU A 813 -22.55 37.25 -30.39
N LYS A 814 -21.59 36.75 -29.62
CA LYS A 814 -20.19 36.97 -29.98
C LYS A 814 -19.77 36.10 -31.16
N LEU A 815 -20.36 34.93 -31.31
CA LEU A 815 -20.15 34.09 -32.48
C LEU A 815 -21.17 34.36 -33.58
N SER A 816 -21.82 35.53 -33.57
CA SER A 816 -23.23 35.69 -33.95
C SER A 816 -23.75 34.73 -35.00
N SER A 817 -22.92 34.37 -35.99
CA SER A 817 -23.23 33.92 -37.35
C SER A 817 -24.17 32.73 -37.35
N ARG A 818 -24.16 31.91 -38.40
CA ARG A 818 -24.98 30.69 -38.31
C ARG A 818 -24.98 30.15 -36.89
N PRO A 819 -26.13 30.21 -36.18
CA PRO A 819 -26.15 29.85 -34.75
C PRO A 819 -26.05 28.33 -34.54
N GLU A 820 -24.91 27.78 -34.95
CA GLU A 820 -24.69 26.34 -34.92
C GLU A 820 -24.77 25.81 -33.50
N ALA A 821 -24.51 26.66 -32.52
CA ALA A 821 -24.10 26.42 -31.14
C ALA A 821 -25.19 26.88 -30.18
N VAL A 822 -24.80 27.17 -28.94
CA VAL A 822 -25.50 26.91 -27.68
C VAL A 822 -27.03 26.86 -27.64
N HIS A 823 -27.73 27.74 -28.35
CA HIS A 823 -28.98 28.33 -27.87
C HIS A 823 -29.84 27.44 -26.96
N GLU A 824 -30.28 26.27 -27.42
CA GLU A 824 -31.12 25.42 -26.58
C GLU A 824 -30.32 24.53 -25.63
N TYR A 825 -29.01 24.39 -25.86
CA TYR A 825 -28.17 23.41 -25.18
C TYR A 825 -27.61 23.92 -23.85
N VAL A 826 -27.92 25.17 -23.48
CA VAL A 826 -27.05 26.00 -22.66
C VAL A 826 -26.45 25.25 -21.48
N THR A 827 -25.13 25.32 -21.35
CA THR A 827 -24.38 24.47 -20.43
C THR A 827 -23.31 25.26 -19.72
N PRO A 828 -23.54 25.70 -18.48
CA PRO A 828 -22.45 26.19 -17.65
C PRO A 828 -21.79 25.03 -16.93
N LEU A 829 -20.46 25.00 -16.99
CA LEU A 829 -19.69 23.88 -16.48
C LEU A 829 -18.86 24.31 -15.29
N PHE A 830 -18.74 23.42 -14.30
CA PHE A 830 -17.71 23.53 -13.28
C PHE A 830 -17.41 22.13 -12.77
N VAL A 831 -16.12 21.87 -12.53
CA VAL A 831 -15.66 20.50 -12.39
C VAL A 831 -16.39 19.78 -11.27
N SER A 832 -16.75 18.52 -11.52
CA SER A 832 -17.39 17.71 -10.48
C SER A 832 -16.31 17.02 -9.68
N ARG A 833 -16.13 17.44 -8.42
CA ARG A 833 -15.08 16.92 -7.57
C ARG A 833 -15.68 15.91 -6.60
N ALA A 834 -15.25 14.65 -6.70
CA ALA A 834 -15.85 13.62 -5.89
C ALA A 834 -15.63 13.90 -4.40
N PRO A 835 -16.63 13.70 -3.56
CA PRO A 835 -16.47 14.02 -2.13
C PRO A 835 -15.96 12.82 -1.34
N ASN A 836 -15.46 13.12 -0.14
CA ASN A 836 -14.95 12.10 0.77
C ASN A 836 -15.66 12.21 2.10
N ARG A 837 -16.63 11.33 2.30
CA ARG A 837 -17.42 11.24 3.52
C ARG A 837 -17.20 9.93 4.27
N LYS A 838 -16.00 9.38 4.20
CA LYS A 838 -15.68 8.26 5.09
C LYS A 838 -15.54 8.77 6.52
N MET A 839 -15.83 7.88 7.47
CA MET A 839 -15.70 8.20 8.89
C MET A 839 -14.46 7.57 9.52
N SER A 840 -13.76 6.71 8.78
CA SER A 840 -12.56 6.08 9.29
C SER A 840 -11.39 7.06 9.32
N GLY A 841 -10.39 6.74 10.12
CA GLY A 841 -9.25 7.61 10.28
C GLY A 841 -8.41 7.16 11.46
N ALA A 842 -7.46 8.02 11.83
CA ALA A 842 -6.52 7.67 12.89
C ALA A 842 -5.88 8.93 13.46
N HIS A 843 -5.57 8.88 14.75
CA HIS A 843 -4.87 9.98 15.37
C HIS A 843 -3.38 9.91 15.04
N LYS A 844 -2.62 10.88 15.54
CA LYS A 844 -1.20 10.94 15.23
C LYS A 844 -0.41 9.92 16.04
N ASP A 845 0.72 9.49 15.47
CA ASP A 845 1.49 8.37 16.01
C ASP A 845 2.51 8.78 17.06
N THR A 846 2.65 10.06 17.36
CA THR A 846 3.60 10.50 18.38
C THR A 846 2.89 10.60 19.72
N LEU A 847 3.48 10.00 20.74
CA LEU A 847 2.92 10.01 22.09
C LEU A 847 3.62 11.09 22.92
N ARG A 848 2.85 11.83 23.70
CA ARG A 848 3.37 12.98 24.41
C ARG A 848 2.88 12.95 25.85
N SER A 849 3.70 13.49 26.75
CA SER A 849 3.32 13.54 28.15
C SER A 849 2.11 14.42 28.32
N ALA A 850 1.18 13.97 29.18
CA ALA A 850 -0.07 14.69 29.40
C ALA A 850 -0.38 14.84 30.88
N LYS A 851 0.61 14.69 31.76
CA LYS A 851 0.38 14.79 33.20
C LYS A 851 -0.17 16.16 33.57
N ARG A 852 0.45 17.23 33.07
CA ARG A 852 -0.07 18.57 33.34
C ARG A 852 -1.38 18.82 32.60
N PHE A 853 -1.52 18.24 31.41
CA PHE A 853 -2.73 18.44 30.63
C PHE A 853 -3.96 17.93 31.35
N VAL A 854 -3.80 16.95 32.23
CA VAL A 854 -4.91 16.31 32.93
C VAL A 854 -5.02 16.80 34.37
N LYS A 855 -3.90 16.85 35.09
CA LYS A 855 -3.95 17.14 36.52
C LYS A 855 -4.15 18.63 36.81
N HIS A 856 -3.65 19.51 35.94
CA HIS A 856 -3.76 20.94 36.16
C HIS A 856 -4.37 21.68 34.99
N ASN A 857 -4.76 20.96 33.93
CA ASN A 857 -5.49 21.51 32.79
C ASN A 857 -4.75 22.61 32.06
N GLU A 858 -3.41 22.67 32.20
CA GLU A 858 -2.64 23.62 31.42
C GLU A 858 -2.36 23.03 30.05
N LYS A 859 -2.64 23.82 29.01
CA LYS A 859 -2.74 23.29 27.65
C LYS A 859 -1.37 23.14 26.99
N ILE A 860 -0.54 22.28 27.60
CA ILE A 860 0.75 21.90 27.01
C ILE A 860 0.92 20.39 27.12
N SER A 861 1.81 19.87 26.29
CA SER A 861 2.34 18.53 26.38
C SER A 861 3.86 18.60 26.35
N VAL A 862 4.51 17.50 26.71
CA VAL A 862 5.97 17.42 26.74
C VAL A 862 6.42 16.25 25.88
N LYS A 863 7.49 16.45 25.13
CA LYS A 863 8.05 15.39 24.32
C LYS A 863 9.56 15.54 24.23
N ARG A 864 10.25 14.41 24.29
CA ARG A 864 11.69 14.38 24.07
C ARG A 864 12.00 14.79 22.63
N VAL A 865 13.05 15.60 22.44
CA VAL A 865 13.61 15.87 21.11
C VAL A 865 15.10 15.61 21.16
N TRP A 866 15.59 14.89 20.15
CA TRP A 866 17.02 14.61 20.06
C TRP A 866 17.79 15.89 19.74
N LEU A 867 19.00 15.96 20.28
CA LEU A 867 19.81 17.15 20.05
C LEU A 867 20.17 17.31 18.59
N THR A 868 20.36 16.22 17.85
CA THR A 868 20.71 16.32 16.44
C THR A 868 19.58 16.84 15.58
N GLU A 869 18.35 16.91 16.10
CA GLU A 869 17.22 17.46 15.37
C GLU A 869 16.68 18.71 16.02
N ILE A 870 17.32 19.21 17.06
CA ILE A 870 16.79 20.33 17.81
C ILE A 870 17.03 21.65 17.07
N LYS A 871 16.30 22.68 17.46
CA LYS A 871 16.54 24.04 17.01
C LYS A 871 16.27 24.98 18.18
N LEU A 872 16.52 26.28 17.95
CA LEU A 872 16.48 27.22 19.06
C LEU A 872 15.07 27.34 19.62
N ALA A 873 14.06 27.14 18.79
CA ALA A 873 12.68 27.19 19.24
C ALA A 873 12.41 26.12 20.29
N ASP A 874 12.84 24.89 20.02
CA ASP A 874 12.75 23.82 21.02
C ASP A 874 13.63 24.12 22.24
N LEU A 875 14.80 24.71 22.00
CA LEU A 875 15.71 24.98 23.10
C LEU A 875 15.10 25.96 24.09
N GLU A 876 14.37 26.96 23.59
CA GLU A 876 13.70 27.93 24.45
C GLU A 876 12.44 27.35 25.10
N ASN A 877 11.90 26.26 24.56
CA ASN A 877 10.73 25.59 25.11
C ASN A 877 11.12 24.39 25.97
N MET A 878 12.39 24.29 26.36
CA MET A 878 12.84 23.20 27.20
C MET A 878 12.14 23.25 28.56
N VAL A 879 11.84 22.08 29.10
CA VAL A 879 11.09 22.02 30.35
C VAL A 879 11.87 22.66 31.49
N ASN A 880 13.16 22.35 31.59
CA ASN A 880 13.99 22.88 32.68
C ASN A 880 14.57 24.26 32.39
N TYR A 881 14.16 24.89 31.30
CA TYR A 881 14.49 26.29 31.07
C TYR A 881 13.33 27.22 31.35
N LYS A 882 12.13 26.89 30.87
CA LYS A 882 11.01 27.80 31.06
C LYS A 882 10.58 27.89 32.52
N ASN A 883 10.85 26.86 33.34
CA ASN A 883 10.68 26.95 34.78
C ASN A 883 12.01 27.20 35.50
N GLY A 884 13.02 27.67 34.77
CA GLY A 884 14.27 28.09 35.37
C GLY A 884 15.00 27.04 36.17
N ARG A 885 14.73 25.76 35.92
CA ARG A 885 15.37 24.71 36.73
C ARG A 885 16.83 24.56 36.36
N GLU A 886 17.14 24.43 35.06
CA GLU A 886 18.51 24.28 34.59
C GLU A 886 18.80 25.36 33.55
N ILE A 887 19.19 26.54 34.03
CA ILE A 887 19.46 27.65 33.12
C ILE A 887 20.80 27.45 32.43
N GLU A 888 21.81 26.99 33.17
CA GLU A 888 23.16 26.89 32.59
C GLU A 888 23.25 25.80 31.54
N LEU A 889 22.51 24.71 31.71
CA LEU A 889 22.44 23.70 30.65
C LEU A 889 21.84 24.30 29.38
N TYR A 890 20.76 25.07 29.53
CA TYR A 890 20.18 25.78 28.39
C TYR A 890 21.22 26.70 27.75
N GLU A 891 21.98 27.42 28.56
CA GLU A 891 22.98 28.34 28.02
C GLU A 891 24.05 27.60 27.24
N ALA A 892 24.52 26.46 27.76
CA ALA A 892 25.55 25.70 27.06
C ALA A 892 25.02 25.13 25.74
N LEU A 893 23.80 24.59 25.75
CA LEU A 893 23.22 24.03 24.53
C LEU A 893 23.00 25.12 23.48
N LYS A 894 22.46 26.26 23.89
CA LYS A 894 22.26 27.36 22.95
C LYS A 894 23.59 27.87 22.43
N ALA A 895 24.61 27.89 23.29
CA ALA A 895 25.95 28.30 22.85
C ALA A 895 26.47 27.39 21.77
N ARG A 896 26.34 26.07 21.96
CA ARG A 896 26.86 25.15 20.96
C ARG A 896 26.07 25.25 19.65
N LEU A 897 24.74 25.35 19.73
CA LEU A 897 23.96 25.47 18.51
C LEU A 897 24.25 26.78 17.78
N GLU A 898 24.53 27.87 18.52
CA GLU A 898 24.99 29.10 17.88
C GLU A 898 26.35 28.90 17.24
N ALA A 899 27.21 28.10 17.87
CA ALA A 899 28.56 27.88 17.36
C ALA A 899 28.55 27.23 15.98
N TYR A 900 27.51 26.48 15.66
CA TYR A 900 27.37 25.85 14.37
C TYR A 900 26.30 26.51 13.52
N GLY A 901 25.81 27.69 13.91
CA GLY A 901 24.81 28.38 13.14
C GLY A 901 23.50 27.63 13.01
N GLY A 902 23.12 26.88 14.03
CA GLY A 902 21.90 26.12 14.00
C GLY A 902 22.02 24.75 13.39
N ASN A 903 23.21 24.34 12.95
CA ASN A 903 23.42 23.03 12.35
C ASN A 903 23.38 21.98 13.45
N ALA A 904 22.16 21.52 13.77
CA ALA A 904 22.02 20.58 14.88
C ALA A 904 22.62 19.22 14.56
N LYS A 905 22.56 18.80 13.30
CA LYS A 905 23.14 17.50 12.94
C LYS A 905 24.64 17.49 13.18
N GLN A 906 25.29 18.66 13.10
CA GLN A 906 26.73 18.77 13.25
C GLN A 906 27.16 19.29 14.60
N ALA A 907 26.37 20.18 15.21
CA ALA A 907 26.72 20.72 16.52
C ALA A 907 26.77 19.62 17.57
N PHE A 908 25.77 18.73 17.58
CA PHE A 908 25.65 17.68 18.57
C PHE A 908 25.83 16.30 17.96
N ASP A 909 26.77 16.16 17.03
CA ASP A 909 26.96 14.87 16.37
C ASP A 909 27.56 13.87 17.35
N PRO A 910 26.95 12.70 17.53
CA PRO A 910 27.54 11.69 18.42
C PRO A 910 28.83 11.15 17.83
N LYS A 911 29.75 10.80 18.73
CA LYS A 911 31.08 10.28 18.43
C LYS A 911 31.95 11.27 17.66
N ASP A 912 31.48 12.49 17.41
CA ASP A 912 32.29 13.58 16.91
C ASP A 912 32.17 14.82 17.79
N ASN A 913 30.97 15.09 18.31
CA ASN A 913 30.74 16.24 19.18
C ASN A 913 29.61 15.91 20.18
N PRO A 914 29.91 15.01 21.11
CA PRO A 914 28.92 14.75 22.16
C PRO A 914 28.79 15.97 23.07
N PHE A 915 27.62 16.10 23.68
CA PHE A 915 27.34 17.16 24.65
C PHE A 915 27.31 16.55 26.04
N TYR A 916 28.00 17.20 26.97
CA TYR A 916 28.11 16.71 28.33
C TYR A 916 27.50 17.74 29.28
N LYS A 917 26.55 17.30 30.09
CA LYS A 917 25.96 18.12 31.12
C LYS A 917 27.00 18.52 32.16
N LYS A 918 26.62 19.45 33.02
CA LYS A 918 27.35 19.67 34.25
C LYS A 918 27.44 18.36 35.03
N GLY A 919 28.66 17.95 35.36
CA GLY A 919 28.86 16.73 36.12
C GLY A 919 29.28 15.52 35.31
N GLY A 920 29.34 15.63 33.98
CA GLY A 920 29.89 14.58 33.15
C GLY A 920 28.90 13.63 32.51
N GLN A 921 27.60 13.86 32.66
CA GLN A 921 26.60 12.98 32.09
C GLN A 921 26.31 13.37 30.65
N LEU A 922 26.19 12.37 29.78
CA LEU A 922 25.87 12.63 28.39
C LEU A 922 24.46 13.19 28.25
N VAL A 923 24.26 13.99 27.22
CA VAL A 923 22.95 14.49 26.85
C VAL A 923 22.72 14.15 25.39
N LYS A 924 21.75 13.28 25.12
CA LYS A 924 21.37 12.92 23.76
C LYS A 924 20.03 13.51 23.35
N ALA A 925 19.13 13.77 24.30
CA ALA A 925 17.87 14.42 23.97
C ALA A 925 17.38 15.17 25.20
N VAL A 926 16.52 16.16 24.97
CA VAL A 926 15.94 16.94 26.07
C VAL A 926 14.44 17.05 25.86
N ARG A 927 13.71 17.14 26.96
CA ARG A 927 12.26 17.27 26.88
C ARG A 927 11.87 18.70 26.58
N VAL A 928 10.98 18.87 25.61
CA VAL A 928 10.56 20.17 25.13
C VAL A 928 9.05 20.26 25.26
N GLU A 929 8.57 21.43 25.69
CA GLU A 929 7.15 21.68 25.82
C GLU A 929 6.57 22.09 24.46
N LYS A 930 5.31 21.75 24.26
CA LYS A 930 4.60 22.03 23.03
C LYS A 930 3.16 22.37 23.36
N THR A 931 2.64 23.42 22.71
CA THR A 931 1.28 23.86 22.98
C THR A 931 0.30 22.76 22.61
N GLN A 932 -0.57 22.40 23.54
CA GLN A 932 -1.52 21.30 23.39
C GLN A 932 -2.92 21.81 23.74
N GLU A 933 -3.62 22.36 22.75
CA GLU A 933 -4.98 22.82 23.01
C GLU A 933 -5.96 21.66 23.03
N SER A 934 -5.77 20.66 22.17
CA SER A 934 -6.68 19.52 22.10
C SER A 934 -5.85 18.26 21.86
N GLY A 935 -6.52 17.12 21.81
CA GLY A 935 -5.84 15.86 21.59
C GLY A 935 -6.70 14.70 22.04
N VAL A 936 -6.13 13.51 21.90
CA VAL A 936 -6.79 12.27 22.32
C VAL A 936 -5.90 11.60 23.37
N LEU A 937 -6.49 11.16 24.46
CA LEU A 937 -5.74 10.56 25.54
C LEU A 937 -5.70 9.04 25.38
N LEU A 938 -4.51 8.47 25.59
CA LEU A 938 -4.23 7.07 25.34
C LEU A 938 -3.74 6.41 26.62
N ASN A 939 -3.90 5.09 26.69
CA ASN A 939 -3.49 4.28 27.84
C ASN A 939 -4.02 4.89 29.14
N LYS A 940 -5.29 5.30 29.11
CA LYS A 940 -5.85 6.05 30.22
C LYS A 940 -5.82 5.26 31.52
N LYS A 941 -5.97 3.94 31.43
CA LYS A 941 -5.94 3.11 32.63
C LYS A 941 -4.56 3.09 33.28
N ASN A 942 -3.51 3.49 32.56
CA ASN A 942 -2.16 3.27 33.06
C ASN A 942 -1.30 4.53 33.11
N ALA A 943 -1.56 5.51 32.27
CA ALA A 943 -0.66 6.66 32.19
C ALA A 943 -1.39 7.88 31.67
N TYR A 944 -0.75 9.03 31.85
CA TYR A 944 -1.21 10.32 31.32
C TYR A 944 -0.48 10.55 30.00
N THR A 945 -1.04 10.05 28.91
CA THR A 945 -0.43 10.18 27.60
C THR A 945 -1.44 10.77 26.62
N ILE A 946 -0.99 11.70 25.77
CA ILE A 946 -1.85 12.35 24.80
C ILE A 946 -1.20 12.31 23.42
N ALA A 947 -2.03 12.36 22.40
CA ALA A 947 -1.57 12.39 21.02
C ALA A 947 -2.37 13.44 20.26
N ASP A 948 -1.72 14.04 19.27
CA ASP A 948 -2.38 15.04 18.45
C ASP A 948 -3.62 14.44 17.80
N ASN A 949 -4.65 15.27 17.61
CA ASN A 949 -5.95 14.78 17.17
C ASN A 949 -5.85 14.06 15.83
N GLY A 950 -5.50 14.80 14.78
CA GLY A 950 -5.31 14.23 13.45
C GLY A 950 -6.59 13.71 12.82
N ASP A 951 -6.60 13.61 11.49
CA ASP A 951 -7.68 12.98 10.74
C ASP A 951 -9.06 13.47 11.22
N MET A 952 -9.30 14.75 10.97
CA MET A 952 -10.63 15.32 11.15
C MET A 952 -11.56 14.72 10.10
N VAL A 953 -12.53 13.92 10.54
CA VAL A 953 -13.34 13.19 9.57
C VAL A 953 -14.45 14.07 9.03
N ARG A 954 -14.99 14.96 9.85
CA ARG A 954 -16.01 15.91 9.41
C ARG A 954 -16.07 17.01 10.44
N VAL A 955 -16.64 18.14 10.05
CA VAL A 955 -16.90 19.23 10.97
C VAL A 955 -18.36 19.63 10.82
N ASP A 956 -19.06 19.66 11.94
CA ASP A 956 -20.47 20.04 11.98
C ASP A 956 -20.60 21.52 12.31
N VAL A 957 -21.57 22.16 11.66
CA VAL A 957 -21.85 23.59 11.81
C VAL A 957 -22.78 23.81 12.99
N PHE A 958 -22.88 25.06 13.44
CA PHE A 958 -23.88 25.50 14.40
C PHE A 958 -24.23 26.94 14.12
N CYS A 959 -25.51 27.20 13.81
CA CYS A 959 -25.96 28.55 13.47
C CYS A 959 -26.64 29.19 14.68
N LYS A 960 -26.20 30.41 15.02
CA LYS A 960 -26.80 31.17 16.10
C LYS A 960 -26.94 32.61 15.66
N VAL A 961 -28.04 33.25 16.06
CA VAL A 961 -28.32 34.61 15.65
C VAL A 961 -27.98 35.62 16.74
N ASP A 962 -28.09 35.22 18.01
CA ASP A 962 -28.17 36.20 19.08
C ASP A 962 -26.83 36.88 19.33
N LYS A 963 -26.34 37.63 18.34
CA LYS A 963 -25.27 38.59 18.54
C LYS A 963 -25.82 39.95 18.94
N LYS A 964 -27.11 40.04 19.25
CA LYS A 964 -27.83 41.29 19.39
C LYS A 964 -27.59 42.18 18.17
N GLY A 965 -28.11 41.69 17.05
CA GLY A 965 -27.76 42.22 15.74
C GLY A 965 -27.55 41.14 14.72
N LYS A 966 -26.31 41.02 14.21
CA LYS A 966 -25.99 40.12 13.12
C LYS A 966 -26.19 38.65 13.53
N ASN A 967 -26.07 37.76 12.54
CA ASN A 967 -26.19 36.32 12.73
C ASN A 967 -24.83 35.68 12.46
N GLN A 968 -24.40 34.80 13.36
CA GLN A 968 -23.05 34.25 13.34
C GLN A 968 -23.07 32.74 13.10
N TYR A 969 -21.91 32.24 12.67
CA TYR A 969 -21.71 30.81 12.41
C TYR A 969 -20.67 30.25 13.36
N PHE A 970 -20.88 29.00 13.78
CA PHE A 970 -19.91 28.26 14.59
C PHE A 970 -19.69 26.88 13.97
N ILE A 971 -18.46 26.38 14.08
CA ILE A 971 -18.05 25.13 13.47
C ILE A 971 -17.33 24.29 14.51
N VAL A 972 -17.85 23.10 14.80
CA VAL A 972 -17.29 22.20 15.80
C VAL A 972 -16.67 21.00 15.07
N PRO A 973 -15.40 20.68 15.30
CA PRO A 973 -14.75 19.62 14.52
C PRO A 973 -14.90 18.25 15.17
N ILE A 974 -15.05 17.24 14.30
CA ILE A 974 -15.22 15.85 14.70
C ILE A 974 -14.04 15.05 14.13
N TYR A 975 -13.29 14.39 15.00
CA TYR A 975 -12.14 13.62 14.57
C TYR A 975 -12.47 12.13 14.53
N ALA A 976 -11.46 11.31 14.22
CA ALA A 976 -11.68 9.88 14.09
C ALA A 976 -11.77 9.21 15.46
N TRP A 977 -10.89 9.56 16.38
CA TRP A 977 -10.95 8.97 17.72
C TRP A 977 -12.28 9.28 18.40
N GLN A 978 -12.95 10.36 18.01
CA GLN A 978 -14.26 10.64 18.56
C GLN A 978 -15.35 9.80 17.90
N VAL A 979 -15.22 9.47 16.61
CA VAL A 979 -16.15 8.52 16.03
C VAL A 979 -15.90 7.11 16.56
N ALA A 980 -14.72 6.86 17.13
CA ALA A 980 -14.46 5.57 17.74
C ALA A 980 -14.98 5.51 19.16
N GLU A 981 -14.80 6.59 19.92
CA GLU A 981 -15.31 6.64 21.29
C GLU A 981 -16.79 6.98 21.36
N ASN A 982 -17.45 7.18 20.22
CA ASN A 982 -18.89 7.52 20.17
C ASN A 982 -19.17 8.71 21.08
N ILE A 983 -18.47 9.81 20.85
CA ILE A 983 -18.75 11.07 21.52
C ILE A 983 -18.96 12.13 20.47
N LEU A 984 -19.90 13.03 20.72
CA LEU A 984 -20.23 14.11 19.78
C LEU A 984 -19.93 15.44 20.45
N PRO A 985 -18.85 16.13 20.05
CA PRO A 985 -18.44 17.34 20.78
C PRO A 985 -19.45 18.46 20.68
N ASP A 986 -19.24 19.45 21.55
CA ASP A 986 -20.10 20.62 21.65
C ASP A 986 -19.30 21.90 21.85
N ILE A 987 -18.08 21.96 21.31
CA ILE A 987 -17.21 23.13 21.48
C ILE A 987 -16.81 23.62 20.09
N ASP A 988 -17.29 24.82 19.72
CA ASP A 988 -16.82 25.46 18.51
C ASP A 988 -15.32 25.72 18.60
N CYS A 989 -14.64 25.67 17.45
CA CYS A 989 -13.18 25.71 17.41
C CYS A 989 -12.59 26.76 18.35
N LYS A 990 -13.00 28.01 18.18
CA LYS A 990 -12.66 29.07 19.13
C LYS A 990 -13.78 29.33 20.12
N GLY A 991 -15.03 29.20 19.68
CA GLY A 991 -16.16 29.40 20.55
C GLY A 991 -16.22 28.37 21.67
N TYR A 992 -17.20 28.53 22.54
CA TYR A 992 -17.37 27.60 23.63
C TYR A 992 -18.74 26.93 23.55
N ARG A 993 -19.12 26.24 24.63
CA ARG A 993 -20.20 25.25 24.65
C ARG A 993 -21.42 25.69 23.85
N ILE A 994 -22.01 24.71 23.16
CA ILE A 994 -23.28 24.91 22.46
C ILE A 994 -24.41 24.36 23.32
N ASP A 995 -25.45 25.17 23.48
CA ASP A 995 -26.64 24.80 24.22
C ASP A 995 -27.77 24.51 23.22
N ASP A 996 -28.98 24.35 23.74
CA ASP A 996 -30.15 24.26 22.87
C ASP A 996 -30.44 25.56 22.14
N SER A 997 -29.77 26.66 22.52
CA SER A 997 -29.98 27.93 21.84
C SER A 997 -29.42 27.90 20.42
N TYR A 998 -28.25 27.30 20.23
CA TYR A 998 -27.65 27.23 18.91
C TYR A 998 -28.47 26.32 18.01
N THR A 999 -28.55 26.68 16.73
CA THR A 999 -29.34 25.94 15.74
C THR A 999 -28.40 25.24 14.77
N PHE A 1000 -28.45 23.90 14.76
CA PHE A 1000 -27.68 23.13 13.81
C PHE A 1000 -28.20 23.39 12.39
N CYS A 1001 -27.29 23.69 11.46
CA CYS A 1001 -27.68 23.91 10.08
C CYS A 1001 -27.44 22.67 9.21
N PHE A 1002 -26.20 22.20 9.16
CA PHE A 1002 -25.87 21.02 8.36
C PHE A 1002 -24.52 20.48 8.81
N SER A 1003 -23.99 19.52 8.04
CA SER A 1003 -22.68 18.94 8.33
C SER A 1003 -21.99 18.62 7.00
N LEU A 1004 -20.71 18.95 6.91
CA LEU A 1004 -19.97 18.77 5.67
C LEU A 1004 -18.69 17.98 5.91
N HIS A 1005 -18.18 17.39 4.82
CA HIS A 1005 -16.99 16.54 4.79
C HIS A 1005 -16.00 17.10 3.78
N LYS A 1006 -14.95 16.30 3.52
CA LYS A 1006 -13.99 16.62 2.48
C LYS A 1006 -14.66 16.72 1.12
N TYR A 1007 -14.33 17.79 0.38
CA TYR A 1007 -14.68 17.94 -1.03
C TYR A 1007 -16.18 18.05 -1.24
N ASP A 1008 -16.86 18.76 -0.34
CA ASP A 1008 -18.26 19.09 -0.53
C ASP A 1008 -18.40 20.54 -0.97
N LEU A 1009 -19.49 20.82 -1.67
CA LEU A 1009 -19.70 22.12 -2.30
C LEU A 1009 -20.63 22.97 -1.44
N ILE A 1010 -20.31 24.26 -1.32
CA ILE A 1010 -20.95 25.15 -0.37
C ILE A 1010 -21.13 26.53 -1.00
N ALA A 1011 -22.16 27.23 -0.54
CA ALA A 1011 -22.45 28.61 -0.92
C ALA A 1011 -21.84 29.57 0.10
N PHE A 1012 -21.44 30.74 -0.38
CA PHE A 1012 -20.29 31.50 0.14
C PHE A 1012 -20.59 33.00 -0.05
N GLN A 1013 -21.19 33.64 0.96
CA GLN A 1013 -21.50 35.07 0.80
C GLN A 1013 -20.74 35.86 1.86
N LYS A 1014 -19.56 36.36 1.48
CA LYS A 1014 -18.61 36.94 2.43
C LYS A 1014 -19.26 37.90 3.43
N ASP A 1015 -19.97 38.91 2.94
CA ASP A 1015 -20.40 40.01 3.80
C ASP A 1015 -21.60 40.70 3.14
N GLU A 1016 -21.83 41.96 3.56
CA GLU A 1016 -22.92 42.80 3.09
C GLU A 1016 -23.29 42.58 1.62
N LYS A 1017 -22.31 42.68 0.73
CA LYS A 1017 -22.54 42.57 -0.70
C LYS A 1017 -21.53 41.62 -1.31
N SER A 1018 -22.02 40.62 -2.04
CA SER A 1018 -21.14 39.63 -2.66
C SER A 1018 -21.94 38.75 -3.61
N LYS A 1019 -21.27 38.31 -4.67
CA LYS A 1019 -21.75 37.16 -5.43
C LYS A 1019 -21.68 35.92 -4.56
N VAL A 1020 -22.64 35.01 -4.75
CA VAL A 1020 -22.78 33.89 -3.81
C VAL A 1020 -21.66 32.87 -3.95
N GLU A 1021 -20.97 32.82 -5.10
CA GLU A 1021 -19.62 32.29 -5.23
C GLU A 1021 -19.48 30.88 -4.61
N PHE A 1022 -20.18 29.93 -5.24
CA PHE A 1022 -20.11 28.53 -4.80
C PHE A 1022 -18.68 27.99 -4.91
N ALA A 1023 -18.27 27.22 -3.91
CA ALA A 1023 -16.90 26.71 -3.84
C ALA A 1023 -16.87 25.42 -3.02
N TYR A 1024 -15.84 24.60 -3.27
CA TYR A 1024 -15.61 23.34 -2.57
C TYR A 1024 -14.75 23.55 -1.33
N TYR A 1025 -15.03 22.75 -0.30
CA TYR A 1025 -14.39 22.83 1.01
C TYR A 1025 -13.36 21.71 1.16
N ILE A 1026 -12.23 22.02 1.81
CA ILE A 1026 -11.12 21.08 1.92
C ILE A 1026 -10.75 20.84 3.38
N ASN A 1027 -10.32 21.89 4.08
CA ASN A 1027 -9.82 21.80 5.45
C ASN A 1027 -10.57 22.74 6.38
N CYS A 1028 -10.57 22.39 7.65
CA CYS A 1028 -11.00 23.29 8.72
C CYS A 1028 -9.86 23.47 9.72
N ASP A 1029 -9.71 24.69 10.20
CA ASP A 1029 -8.68 25.04 11.18
C ASP A 1029 -9.25 24.91 12.58
N SER A 1030 -8.59 24.11 13.42
CA SER A 1030 -9.05 23.91 14.79
C SER A 1030 -8.90 25.16 15.64
N SER A 1031 -8.02 26.09 15.26
CA SER A 1031 -7.77 27.26 16.09
C SER A 1031 -8.93 28.25 16.02
N ASN A 1032 -9.43 28.52 14.82
CA ASN A 1032 -10.41 29.58 14.63
C ASN A 1032 -11.54 29.19 13.68
N GLY A 1033 -11.59 27.94 13.24
CA GLY A 1033 -12.63 27.51 12.34
C GLY A 1033 -12.53 28.06 10.94
N ARG A 1034 -11.33 28.46 10.50
CA ARG A 1034 -11.16 28.92 9.14
C ARG A 1034 -11.25 27.74 8.18
N PHE A 1035 -11.59 28.04 6.93
CA PHE A 1035 -11.92 27.04 5.91
C PHE A 1035 -10.99 27.20 4.72
N TYR A 1036 -10.25 26.14 4.40
CA TYR A 1036 -9.50 26.10 3.15
C TYR A 1036 -10.46 25.70 2.03
N LEU A 1037 -10.50 26.50 0.96
CA LEU A 1037 -11.48 26.31 -0.10
C LEU A 1037 -10.79 26.33 -1.46
N ALA A 1038 -11.54 25.89 -2.47
CA ALA A 1038 -11.14 26.02 -3.87
C ALA A 1038 -12.37 25.82 -4.73
N TRP A 1039 -12.38 26.40 -5.92
CA TRP A 1039 -13.53 26.27 -6.80
C TRP A 1039 -13.19 25.32 -7.95
N HIS A 1040 -14.11 25.24 -8.91
CA HIS A 1040 -13.87 24.44 -10.11
C HIS A 1040 -12.56 24.85 -10.76
N ASP A 1041 -11.83 23.85 -11.24
CA ASP A 1041 -10.57 24.07 -11.95
C ASP A 1041 -9.48 24.55 -11.01
N LYS A 1042 -9.84 24.86 -9.77
CA LYS A 1042 -8.87 25.24 -8.75
C LYS A 1042 -8.54 23.99 -7.93
N GLY A 1043 -7.42 23.35 -8.26
CA GLY A 1043 -7.06 22.14 -7.54
C GLY A 1043 -5.77 22.21 -6.74
N SER A 1044 -4.78 22.94 -7.25
CA SER A 1044 -3.47 22.95 -6.61
C SER A 1044 -3.56 23.64 -5.26
N LYS A 1045 -3.28 22.89 -4.19
CA LYS A 1045 -3.47 23.43 -2.85
C LYS A 1045 -2.60 24.65 -2.62
N GLU A 1046 -1.30 24.51 -2.86
CA GLU A 1046 -0.39 25.64 -2.64
C GLU A 1046 -0.76 26.81 -3.53
N GLN A 1047 -1.07 26.55 -4.80
CA GLN A 1047 -1.29 27.63 -5.74
C GLN A 1047 -2.66 28.29 -5.55
N GLN A 1048 -3.69 27.52 -5.21
CA GLN A 1048 -5.06 27.97 -5.45
C GLN A 1048 -6.03 27.81 -4.29
N PHE A 1049 -5.55 27.55 -3.06
CA PHE A 1049 -6.48 27.52 -1.93
C PHE A 1049 -6.64 28.93 -1.34
N ARG A 1050 -7.74 29.15 -0.62
CA ARG A 1050 -8.11 30.55 -0.40
C ARG A 1050 -8.38 30.97 1.06
N ILE A 1051 -8.89 30.07 1.91
CA ILE A 1051 -8.96 30.31 3.37
C ILE A 1051 -9.86 31.46 3.85
N SER A 1052 -11.18 31.30 3.79
CA SER A 1052 -12.14 32.28 4.29
C SER A 1052 -12.62 31.95 5.71
N THR A 1053 -12.81 32.99 6.52
CA THR A 1053 -13.34 32.88 7.88
C THR A 1053 -14.87 33.05 7.89
N GLN A 1054 -15.52 32.56 8.95
CA GLN A 1054 -16.98 32.54 8.92
C GLN A 1054 -17.68 32.83 10.26
N ASN A 1055 -17.01 33.45 11.25
CA ASN A 1055 -17.76 33.91 12.42
C ASN A 1055 -18.82 34.90 12.01
N LEU A 1056 -18.51 35.76 11.03
CA LEU A 1056 -19.46 36.67 10.40
C LEU A 1056 -19.36 36.42 8.90
N VAL A 1057 -20.10 35.42 8.41
CA VAL A 1057 -20.12 35.08 7.00
C VAL A 1057 -21.48 35.25 6.35
N LEU A 1058 -22.52 35.51 7.12
CA LEU A 1058 -23.80 36.06 6.67
C LEU A 1058 -24.58 35.13 5.76
N ILE A 1059 -23.92 34.20 5.07
CA ILE A 1059 -24.50 32.90 4.70
C ILE A 1059 -23.42 31.95 4.21
N GLN A 1060 -23.45 30.75 4.77
CA GLN A 1060 -22.70 29.58 4.32
C GLN A 1060 -23.69 28.44 4.19
N LYS A 1061 -23.77 27.87 2.99
CA LYS A 1061 -24.82 26.88 2.70
C LYS A 1061 -24.21 25.63 2.10
N TYR A 1062 -24.98 24.54 2.12
CA TYR A 1062 -24.55 23.30 1.51
C TYR A 1062 -25.00 23.26 0.04
N GLN A 1063 -24.78 22.12 -0.61
CA GLN A 1063 -25.15 21.87 -2.01
C GLN A 1063 -24.85 20.40 -2.31
N VAL A 1064 -25.29 19.94 -3.49
CA VAL A 1064 -24.82 18.67 -4.05
C VAL A 1064 -24.48 18.91 -5.51
N ASN A 1065 -23.40 18.25 -5.97
CA ASN A 1065 -23.02 18.24 -7.38
C ASN A 1065 -23.08 16.80 -7.85
N GLU A 1066 -23.90 16.55 -8.85
CA GLU A 1066 -23.96 15.23 -9.45
C GLU A 1066 -22.70 14.96 -10.26
N LEU A 1067 -22.63 13.77 -10.85
CA LEU A 1067 -21.48 13.44 -11.67
C LEU A 1067 -21.26 14.49 -12.75
N GLY A 1068 -22.29 14.80 -13.53
CA GLY A 1068 -22.09 15.76 -14.58
C GLY A 1068 -22.02 17.22 -14.15
N LYS A 1069 -23.18 17.84 -13.93
CA LYS A 1069 -23.21 19.20 -13.39
C LYS A 1069 -24.47 19.53 -12.59
N GLU A 1070 -25.21 18.54 -12.08
CA GLU A 1070 -26.54 18.82 -11.52
C GLU A 1070 -26.39 19.50 -10.17
N ILE A 1071 -26.11 20.80 -10.22
CA ILE A 1071 -25.76 21.57 -9.02
C ILE A 1071 -27.09 22.04 -8.42
N ARG A 1072 -27.69 21.18 -7.62
CA ARG A 1072 -28.90 21.50 -6.89
C ARG A 1072 -28.60 21.59 -5.40
N PRO A 1073 -28.97 22.66 -4.71
CA PRO A 1073 -28.71 22.73 -3.26
C PRO A 1073 -29.43 21.63 -2.50
N CYS A 1074 -28.78 21.17 -1.44
CA CYS A 1074 -29.37 20.19 -0.53
C CYS A 1074 -29.27 20.72 0.89
N ARG A 1075 -30.12 20.19 1.77
CA ARG A 1075 -30.14 20.64 3.15
C ARG A 1075 -30.74 19.54 4.03
N LEU A 1076 -30.13 19.32 5.18
CA LEU A 1076 -30.65 18.43 6.21
C LEU A 1076 -30.50 19.12 7.56
N LYS A 1077 -31.48 18.90 8.45
CA LYS A 1077 -31.48 19.55 9.74
C LYS A 1077 -31.30 18.58 10.91
N LYS A 1078 -31.32 17.27 10.67
CA LYS A 1078 -31.08 16.30 11.72
C LYS A 1078 -29.58 16.12 11.89
N ARG A 1079 -29.05 16.61 13.01
CA ARG A 1079 -27.65 16.49 13.40
C ARG A 1079 -27.21 15.03 13.36
N PRO A 1080 -26.44 14.62 12.37
CA PRO A 1080 -26.08 13.20 12.25
C PRO A 1080 -25.05 12.82 13.30
N PRO A 1081 -25.38 11.89 14.20
CA PRO A 1081 -24.43 11.51 15.25
C PRO A 1081 -23.35 10.60 14.70
N VAL A 1082 -22.36 10.37 15.54
CA VAL A 1082 -21.28 9.42 15.26
C VAL A 1082 -21.64 8.10 15.93
N ARG A 1083 -21.17 7.00 15.36
CA ARG A 1083 -21.44 5.69 15.94
C ARG A 1083 -20.16 4.96 16.34
C1 EDO E . 9.52 -14.83 45.90
O1 EDO E . 10.91 -14.62 45.70
C2 EDO E . 9.20 -16.30 45.65
O2 EDO E . 7.78 -16.50 45.62
#